data_3DKH
#
_entry.id   3DKH
#
_cell.length_a   173.510
_cell.length_b   62.020
_cell.length_c   125.670
_cell.angle_alpha   90.000
_cell.angle_beta   99.920
_cell.angle_gamma   90.000
#
_symmetry.space_group_name_H-M   'C 1 2 1'
#
loop_
_entity.id
_entity.type
_entity.pdbx_description
1 polymer Laccase-1
2 branched alpha-D-mannopyranose-(1-6)-beta-D-mannopyranose-(1-4)-2-acetamido-2-deoxy-beta-D-glucopyranose-(1-4)-2-acetamido-2-deoxy-beta-D-glucopyranose
3 branched 2-acetamido-2-deoxy-beta-D-glucopyranose-(1-4)-2-acetamido-2-deoxy-beta-D-glucopyranose
4 branched beta-D-mannopyranose-(1-4)-2-acetamido-2-deoxy-beta-D-glucopyranose-(1-4)-2-acetamido-2-deoxy-beta-D-glucopyranose
5 non-polymer 2-acetamido-2-deoxy-beta-D-glucopyranose
6 non-polymer 'COPPER (II) ION'
7 non-polymer 'CHLORIDE ION'
8 non-polymer 'SULFATE ION'
9 non-polymer 'OXYGEN MOLECULE'
10 non-polymer GLYCEROL
11 water water
#
_entity_poly.entity_id   1
_entity_poly.type   'polypeptide(L)'
_entity_poly.pdbx_seq_one_letter_code
;EPTCNTPSNRACWSDGFDINTDYEVSTPDTGVTQSYVFNLTEVDNWMGPDGVVKEKVMLINGNIMGPNIVANWGDTVEVT
VINNLVTNGTSIHWHGIHQKDTNLHDGANGVTECPIPPKGGQRTYRWRARQYGTSWYHSHFSAQYGNGVVGTIQINGPAS
LPYDIDLGVFPITDYYYRAADDLVHFTQNNAPPFSDNVLINGTAVNPNTGEGQYANVTLTPGKRHRLRILNTSTENHFQV
SLVNHTMTVIAADMVPVNAMTVDSLFLAVGQRYDVVIDASRAPDNYWFNVTFGGQAACGGSLNPHPAAIFHYAGAPGGLP
TDEGTPPVDHQCLDTLDVRPVVPRSVPVNSFVKRPDNTLPVALDLTGTPLFVWKVNGSDINVDWGKPIIDYILTGNTSYP
VSDNIVQVDAVDQWTYWLIENDPEGPFSLPHPMHLHGHDFLVLGRSPDVPAASQQRFVFDPAVDLARLNGDNPPRRDTTM
LPAGGWLLLAFRTDNPGAWLFHCHIAWHVSGGLSVDFLERPADLRQRISQEDEDDFNRVCDEWRAYWPTNPYPKIDSGA
;
_entity_poly.pdbx_strand_id   A,B
#
# COMPACT_ATOMS: atom_id res chain seq x y z
N PRO A 2 -39.90 -27.17 -1.00
CA PRO A 2 -38.99 -27.95 -1.88
C PRO A 2 -39.60 -29.27 -2.35
N THR A 3 -40.04 -29.30 -3.61
CA THR A 3 -40.66 -30.49 -4.21
C THR A 3 -39.84 -31.07 -5.38
N CYS A 4 -39.60 -30.24 -6.39
CA CYS A 4 -38.87 -30.63 -7.59
C CYS A 4 -37.38 -30.21 -7.62
N ASN A 5 -36.82 -29.95 -6.44
CA ASN A 5 -35.41 -29.55 -6.33
C ASN A 5 -34.57 -30.80 -6.03
N THR A 6 -33.90 -31.28 -7.07
CA THR A 6 -33.07 -32.49 -7.02
C THR A 6 -31.67 -32.14 -7.59
N PRO A 7 -30.63 -33.01 -7.37
CA PRO A 7 -29.29 -32.72 -7.92
C PRO A 7 -29.15 -32.48 -9.42
N SER A 8 -30.04 -33.07 -10.21
CA SER A 8 -30.03 -32.91 -11.67
C SER A 8 -30.90 -31.74 -12.17
N ASN A 9 -31.78 -31.25 -11.31
CA ASN A 9 -32.66 -30.14 -11.65
C ASN A 9 -32.75 -29.17 -10.45
N ARG A 10 -31.75 -28.30 -10.33
CA ARG A 10 -31.72 -27.32 -9.25
C ARG A 10 -32.47 -26.05 -9.65
N ALA A 11 -32.85 -25.97 -10.93
CA ALA A 11 -33.57 -24.83 -11.49
C ALA A 11 -35.03 -24.78 -11.01
N CYS A 12 -35.60 -25.94 -10.76
CA CYS A 12 -36.98 -26.09 -10.28
C CYS A 12 -37.00 -25.99 -8.74
N TRP A 13 -38.12 -25.51 -8.19
CA TRP A 13 -38.28 -25.41 -6.73
C TRP A 13 -39.66 -25.94 -6.31
N SER A 14 -40.71 -25.27 -6.78
CA SER A 14 -42.12 -25.62 -6.51
C SER A 14 -43.00 -25.11 -7.66
N ASP A 15 -44.32 -25.28 -7.55
CA ASP A 15 -45.26 -24.83 -8.57
C ASP A 15 -45.29 -23.30 -8.74
N GLY A 16 -44.82 -22.85 -9.90
CA GLY A 16 -44.76 -21.44 -10.21
C GLY A 16 -43.54 -20.72 -9.68
N PHE A 17 -42.68 -21.46 -8.98
CA PHE A 17 -41.47 -20.89 -8.41
C PHE A 17 -40.25 -21.65 -8.85
N ASP A 18 -39.38 -20.95 -9.60
CA ASP A 18 -38.13 -21.48 -10.12
C ASP A 18 -37.07 -20.39 -10.18
N ILE A 19 -35.94 -20.69 -10.80
CA ILE A 19 -34.81 -19.76 -10.92
C ILE A 19 -35.07 -18.52 -11.80
N ASN A 20 -36.05 -18.63 -12.69
CA ASN A 20 -36.38 -17.54 -13.61
C ASN A 20 -37.46 -16.58 -13.14
N THR A 21 -38.19 -16.95 -12.08
CA THR A 21 -39.25 -16.11 -11.52
C THR A 21 -38.68 -14.91 -10.79
N ASP A 22 -39.35 -13.76 -10.91
CA ASP A 22 -38.91 -12.54 -10.25
C ASP A 22 -39.20 -12.64 -8.76
N TYR A 23 -38.14 -12.90 -8.00
CA TYR A 23 -38.20 -13.04 -6.55
C TYR A 23 -38.49 -11.73 -5.81
N GLU A 24 -38.22 -10.60 -6.48
CA GLU A 24 -38.42 -9.27 -5.90
C GLU A 24 -39.88 -8.83 -5.83
N VAL A 25 -40.77 -9.55 -6.52
CA VAL A 25 -42.19 -9.23 -6.55
C VAL A 25 -43.13 -10.45 -6.36
N SER A 26 -42.56 -11.66 -6.37
CA SER A 26 -43.32 -12.91 -6.22
C SER A 26 -42.65 -13.78 -5.13
N THR A 27 -43.42 -14.23 -4.14
CA THR A 27 -42.90 -14.99 -3.01
C THR A 27 -43.82 -16.16 -2.60
N PRO A 28 -43.25 -17.37 -2.32
CA PRO A 28 -44.04 -18.55 -1.92
C PRO A 28 -44.71 -18.40 -0.56
N ASP A 29 -45.92 -18.93 -0.45
CA ASP A 29 -46.68 -18.88 0.78
C ASP A 29 -46.60 -20.27 1.44
N THR A 30 -45.57 -20.45 2.25
CA THR A 30 -45.32 -21.70 2.96
C THR A 30 -46.09 -21.76 4.28
N GLY A 31 -46.24 -20.60 4.92
CA GLY A 31 -46.92 -20.49 6.21
C GLY A 31 -46.08 -20.98 7.39
N VAL A 32 -44.80 -21.26 7.12
CA VAL A 32 -43.83 -21.78 8.10
C VAL A 32 -42.95 -20.66 8.68
N THR A 33 -42.60 -20.82 9.95
CA THR A 33 -41.74 -19.86 10.64
C THR A 33 -40.56 -20.55 11.31
N GLN A 34 -39.38 -19.94 11.18
CA GLN A 34 -38.15 -20.42 11.80
C GLN A 34 -37.73 -19.47 12.91
N SER A 35 -37.79 -19.97 14.14
CA SER A 35 -37.47 -19.18 15.32
C SER A 35 -36.11 -19.42 15.94
N TYR A 36 -35.50 -18.33 16.42
CA TYR A 36 -34.18 -18.33 17.05
C TYR A 36 -34.13 -17.30 18.19
N VAL A 37 -33.38 -17.62 19.25
CA VAL A 37 -33.20 -16.72 20.38
C VAL A 37 -31.72 -16.42 20.47
N PHE A 38 -31.39 -15.13 20.39
CA PHE A 38 -30.00 -14.66 20.45
C PHE A 38 -29.69 -14.08 21.82
N ASN A 39 -28.83 -14.76 22.56
CA ASN A 39 -28.42 -14.34 23.88
C ASN A 39 -27.03 -13.74 23.77
N LEU A 40 -26.95 -12.41 23.88
CA LEU A 40 -25.69 -11.71 23.78
C LEU A 40 -25.02 -11.57 25.13
N THR A 41 -23.94 -12.32 25.34
CA THR A 41 -23.19 -12.25 26.58
C THR A 41 -21.84 -11.62 26.28
N GLU A 42 -21.27 -10.97 27.30
CA GLU A 42 -19.97 -10.32 27.19
C GLU A 42 -19.00 -11.22 27.95
N VAL A 43 -18.02 -11.77 27.22
CA VAL A 43 -17.05 -12.67 27.83
C VAL A 43 -15.65 -12.06 27.90
N ASP A 44 -15.14 -11.94 29.13
CA ASP A 44 -13.79 -11.42 29.37
C ASP A 44 -12.81 -12.58 29.38
N ASN A 45 -11.60 -12.32 28.89
CA ASN A 45 -10.49 -13.29 28.82
C ASN A 45 -10.90 -14.63 28.17
N TRP A 46 -11.42 -14.50 26.96
CA TRP A 46 -11.91 -15.62 26.18
C TRP A 46 -10.84 -16.30 25.36
N MET A 47 -10.90 -17.63 25.31
CA MET A 47 -9.96 -18.44 24.55
C MET A 47 -10.37 -18.51 23.08
N GLY A 48 -9.53 -17.90 22.24
CA GLY A 48 -9.75 -17.86 20.80
C GLY A 48 -9.36 -19.11 20.04
N PRO A 49 -9.85 -19.28 18.80
CA PRO A 49 -9.58 -20.43 17.92
C PRO A 49 -8.10 -20.70 17.59
N ASP A 50 -7.29 -19.64 17.63
CA ASP A 50 -5.85 -19.75 17.34
C ASP A 50 -4.97 -19.88 18.59
N GLY A 51 -5.62 -20.00 19.75
CA GLY A 51 -4.89 -20.16 21.01
C GLY A 51 -4.70 -18.89 21.83
N VAL A 52 -4.78 -17.73 21.18
CA VAL A 52 -4.61 -16.45 21.86
C VAL A 52 -5.86 -16.08 22.67
N VAL A 53 -5.60 -15.60 23.88
CA VAL A 53 -6.66 -15.17 24.79
C VAL A 53 -6.97 -13.70 24.53
N LYS A 54 -8.23 -13.44 24.17
CA LYS A 54 -8.71 -12.08 23.89
C LYS A 54 -9.28 -11.41 25.13
N GLU A 55 -8.95 -10.13 25.30
CA GLU A 55 -9.41 -9.31 26.43
C GLU A 55 -10.92 -9.36 26.66
N LYS A 56 -11.68 -9.11 25.58
CA LYS A 56 -13.13 -9.09 25.62
C LYS A 56 -13.76 -9.41 24.26
N VAL A 57 -14.90 -10.10 24.30
CA VAL A 57 -15.66 -10.45 23.12
C VAL A 57 -17.15 -10.37 23.49
N MET A 58 -18.00 -10.14 22.48
CA MET A 58 -19.46 -10.08 22.68
C MET A 58 -19.98 -11.19 21.79
N LEU A 59 -20.63 -12.18 22.39
CA LEU A 59 -21.12 -13.35 21.64
C LEU A 59 -22.58 -13.72 21.78
N ILE A 60 -23.09 -14.33 20.71
CA ILE A 60 -24.46 -14.81 20.62
C ILE A 60 -24.42 -16.29 21.02
N ASN A 61 -25.13 -16.64 22.11
CA ASN A 61 -25.22 -18.00 22.65
C ASN A 61 -23.87 -18.68 22.99
N GLY A 62 -22.93 -17.87 23.46
CA GLY A 62 -21.61 -18.36 23.86
C GLY A 62 -20.65 -18.95 22.83
N ASN A 63 -20.89 -18.69 21.55
CA ASN A 63 -20.02 -19.20 20.47
C ASN A 63 -19.36 -18.09 19.63
N ILE A 64 -18.35 -18.47 18.84
CA ILE A 64 -17.58 -17.56 17.96
C ILE A 64 -18.50 -16.73 17.04
N MET A 65 -19.53 -17.39 16.52
CA MET A 65 -20.54 -16.78 15.67
C MET A 65 -21.88 -17.23 16.24
N GLY A 66 -22.96 -16.63 15.76
CA GLY A 66 -24.29 -17.00 16.20
C GLY A 66 -24.79 -18.24 15.47
N PRO A 67 -26.00 -18.74 15.76
CA PRO A 67 -26.47 -19.94 15.06
C PRO A 67 -26.75 -19.70 13.57
N ASN A 68 -26.60 -20.76 12.78
CA ASN A 68 -26.84 -20.67 11.34
C ASN A 68 -28.33 -20.68 11.07
N ILE A 69 -28.86 -19.52 10.69
CA ILE A 69 -30.28 -19.35 10.37
C ILE A 69 -30.54 -20.04 9.04
N VAL A 70 -31.27 -21.15 9.10
CA VAL A 70 -31.62 -21.91 7.91
C VAL A 70 -33.15 -21.98 7.76
N ALA A 71 -33.61 -21.49 6.60
CA ALA A 71 -35.02 -21.44 6.22
C ALA A 71 -35.14 -21.62 4.71
N ASN A 72 -36.36 -21.81 4.23
CA ASN A 72 -36.60 -21.94 2.79
C ASN A 72 -37.16 -20.61 2.28
N TRP A 73 -37.25 -20.50 0.95
CA TRP A 73 -37.80 -19.33 0.27
C TRP A 73 -39.31 -19.25 0.58
N GLY A 74 -39.72 -18.14 1.18
CA GLY A 74 -41.12 -17.93 1.53
C GLY A 74 -41.40 -18.04 3.01
N ASP A 75 -40.50 -18.69 3.76
CA ASP A 75 -40.62 -18.85 5.21
C ASP A 75 -40.43 -17.49 5.89
N THR A 76 -40.89 -17.39 7.14
CA THR A 76 -40.70 -16.16 7.88
C THR A 76 -39.65 -16.45 8.96
N VAL A 77 -38.64 -15.60 9.05
CA VAL A 77 -37.61 -15.77 10.05
C VAL A 77 -37.90 -14.81 11.21
N GLU A 78 -38.01 -15.40 12.40
CA GLU A 78 -38.28 -14.68 13.62
C GLU A 78 -37.14 -14.89 14.58
N VAL A 79 -36.57 -13.79 15.07
CA VAL A 79 -35.43 -13.82 15.99
C VAL A 79 -35.61 -12.90 17.19
N THR A 80 -35.46 -13.45 18.40
CA THR A 80 -35.58 -12.68 19.63
C THR A 80 -34.18 -12.40 20.16
N VAL A 81 -33.79 -11.13 20.06
CA VAL A 81 -32.48 -10.68 20.51
C VAL A 81 -32.60 -10.12 21.91
N ILE A 82 -32.00 -10.85 22.86
CA ILE A 82 -31.96 -10.48 24.26
C ILE A 82 -30.54 -9.97 24.48
N ASN A 83 -30.45 -8.76 25.03
CA ASN A 83 -29.19 -8.09 25.29
C ASN A 83 -28.72 -8.21 26.74
N ASN A 84 -27.79 -9.13 26.99
CA ASN A 84 -27.23 -9.32 28.32
C ASN A 84 -25.79 -8.80 28.43
N LEU A 85 -25.44 -7.85 27.56
CA LEU A 85 -24.11 -7.22 27.61
C LEU A 85 -24.08 -6.28 28.80
N VAL A 86 -22.91 -5.79 29.18
CA VAL A 86 -22.84 -4.94 30.36
C VAL A 86 -23.29 -3.51 30.12
N THR A 87 -22.60 -2.83 29.21
CA THR A 87 -22.86 -1.43 28.90
C THR A 87 -23.50 -1.15 27.55
N ASN A 88 -23.02 -1.86 26.53
CA ASN A 88 -23.49 -1.71 25.16
C ASN A 88 -24.95 -1.97 24.83
N GLY A 89 -25.47 -1.17 23.90
CA GLY A 89 -26.82 -1.37 23.39
C GLY A 89 -26.59 -2.27 22.19
N THR A 90 -27.64 -2.66 21.49
CA THR A 90 -27.48 -3.52 20.32
C THR A 90 -28.67 -3.54 19.36
N SER A 91 -28.47 -4.27 18.28
CA SER A 91 -29.44 -4.51 17.23
C SER A 91 -28.78 -5.55 16.35
N ILE A 92 -29.54 -6.20 15.50
CA ILE A 92 -28.96 -7.16 14.58
C ILE A 92 -29.50 -6.79 13.21
N HIS A 93 -28.57 -6.42 12.32
CA HIS A 93 -28.92 -6.07 10.96
C HIS A 93 -28.84 -7.32 10.09
N TRP A 94 -29.87 -7.50 9.28
CA TRP A 94 -30.01 -8.62 8.36
C TRP A 94 -29.55 -8.14 6.99
N HIS A 95 -28.26 -8.38 6.73
CA HIS A 95 -27.56 -7.99 5.48
C HIS A 95 -28.02 -8.81 4.28
N GLY A 96 -28.45 -8.10 3.24
CA GLY A 96 -28.91 -8.73 2.02
C GLY A 96 -30.41 -8.85 1.98
N ILE A 97 -31.02 -8.87 3.16
CA ILE A 97 -32.46 -8.97 3.29
C ILE A 97 -33.07 -7.58 3.08
N HIS A 98 -33.82 -7.51 1.99
CA HIS A 98 -34.49 -6.31 1.53
C HIS A 98 -35.42 -5.61 2.49
N GLN A 99 -36.06 -6.40 3.36
CA GLN A 99 -37.03 -5.90 4.35
C GLN A 99 -38.20 -5.15 3.66
N LYS A 100 -38.78 -5.81 2.65
CA LYS A 100 -39.90 -5.26 1.86
C LYS A 100 -41.10 -4.90 2.75
N ASP A 101 -41.30 -3.59 2.91
CA ASP A 101 -42.35 -2.98 3.74
C ASP A 101 -42.20 -3.27 5.25
N THR A 102 -41.01 -3.74 5.65
CA THR A 102 -40.69 -4.05 7.04
C THR A 102 -39.43 -3.29 7.46
N ASN A 103 -39.39 -1.99 7.16
CA ASN A 103 -38.25 -1.10 7.46
C ASN A 103 -37.77 -1.08 8.92
N LEU A 104 -38.70 -1.20 9.86
CA LEU A 104 -38.40 -1.19 11.30
C LEU A 104 -37.71 -2.42 11.87
N HIS A 105 -37.48 -3.42 11.01
CA HIS A 105 -36.79 -4.65 11.38
C HIS A 105 -35.35 -4.69 10.82
N ASP A 106 -34.94 -3.62 10.16
CA ASP A 106 -33.61 -3.51 9.55
C ASP A 106 -32.41 -3.51 10.50
N GLY A 107 -32.62 -3.10 11.74
CA GLY A 107 -31.54 -3.10 12.73
C GLY A 107 -30.56 -1.95 12.72
N ALA A 108 -30.82 -0.93 11.89
CA ALA A 108 -29.95 0.23 11.82
C ALA A 108 -30.29 1.18 12.97
N ASN A 109 -29.39 1.23 13.94
CA ASN A 109 -29.53 2.08 15.13
C ASN A 109 -29.47 3.55 14.79
N GLY A 110 -30.39 4.30 15.37
CA GLY A 110 -30.48 5.73 15.13
C GLY A 110 -31.11 6.05 13.78
N VAL A 111 -31.61 5.00 13.12
CA VAL A 111 -32.25 5.11 11.82
C VAL A 111 -33.61 4.40 11.88
N THR A 112 -33.61 3.09 12.06
CA THR A 112 -34.85 2.30 12.09
C THR A 112 -35.33 1.92 13.49
N GLU A 113 -34.41 2.03 14.45
CA GLU A 113 -34.71 1.69 15.84
C GLU A 113 -33.70 2.33 16.78
N CYS A 114 -34.04 2.26 18.07
CA CYS A 114 -33.18 2.70 19.14
C CYS A 114 -32.50 1.41 19.52
N PRO A 115 -31.27 1.48 20.07
CA PRO A 115 -30.57 0.25 20.46
C PRO A 115 -31.30 -0.45 21.58
N ILE A 116 -31.32 -1.78 21.51
CA ILE A 116 -31.94 -2.61 22.52
C ILE A 116 -31.03 -2.45 23.76
N PRO A 117 -31.59 -1.99 24.91
CA PRO A 117 -30.78 -1.79 26.12
C PRO A 117 -30.14 -3.05 26.72
N PRO A 118 -29.01 -2.90 27.44
CA PRO A 118 -28.37 -4.07 28.05
C PRO A 118 -29.07 -4.54 29.32
N LYS A 119 -28.43 -5.50 30.00
CA LYS A 119 -28.90 -6.10 31.26
C LYS A 119 -30.28 -6.78 31.18
N GLY A 120 -30.56 -7.39 30.04
CA GLY A 120 -31.82 -8.09 29.85
C GLY A 120 -32.81 -7.47 28.90
N GLY A 121 -32.37 -6.49 28.10
CA GLY A 121 -33.24 -5.83 27.13
C GLY A 121 -33.54 -6.76 25.96
N GLN A 122 -34.80 -6.76 25.51
CA GLN A 122 -35.18 -7.61 24.39
C GLN A 122 -36.01 -6.97 23.30
N ARG A 123 -36.03 -7.64 22.16
CA ARG A 123 -36.78 -7.23 20.98
C ARG A 123 -36.83 -8.41 20.02
N THR A 124 -37.96 -8.57 19.36
CA THR A 124 -38.13 -9.64 18.40
C THR A 124 -38.22 -9.08 16.99
N TYR A 125 -37.37 -9.61 16.12
CA TYR A 125 -37.31 -9.26 14.72
C TYR A 125 -38.06 -10.32 13.95
N ARG A 126 -38.86 -9.89 12.97
CA ARG A 126 -39.65 -10.78 12.14
C ARG A 126 -39.62 -10.26 10.71
N TRP A 127 -39.14 -11.11 9.80
CA TRP A 127 -39.03 -10.77 8.38
C TRP A 127 -39.24 -11.96 7.45
N ARG A 128 -39.86 -11.68 6.30
CA ARG A 128 -40.16 -12.70 5.31
C ARG A 128 -38.97 -12.95 4.38
N ALA A 129 -38.76 -14.23 4.07
CA ALA A 129 -37.68 -14.68 3.20
C ALA A 129 -38.10 -14.53 1.73
N ARG A 130 -38.10 -13.28 1.27
CA ARG A 130 -38.49 -12.94 -0.10
C ARG A 130 -37.35 -13.11 -1.10
N GLN A 131 -36.20 -13.49 -0.60
CA GLN A 131 -35.02 -13.68 -1.42
C GLN A 131 -34.34 -14.96 -0.97
N TYR A 132 -33.73 -15.65 -1.92
CA TYR A 132 -33.03 -16.92 -1.63
C TYR A 132 -31.54 -16.82 -1.98
N GLY A 133 -30.71 -17.53 -1.21
CA GLY A 133 -29.28 -17.52 -1.44
C GLY A 133 -28.57 -17.35 -0.11
N THR A 134 -27.33 -16.87 -0.17
CA THR A 134 -26.57 -16.69 1.05
C THR A 134 -26.47 -15.23 1.46
N SER A 135 -26.53 -15.02 2.76
CA SER A 135 -26.41 -13.71 3.37
C SER A 135 -25.83 -13.87 4.77
N TRP A 136 -25.85 -12.78 5.54
CA TRP A 136 -25.33 -12.79 6.91
C TRP A 136 -26.01 -11.76 7.77
N TYR A 137 -25.77 -11.85 9.08
CA TYR A 137 -26.32 -10.90 10.01
C TYR A 137 -25.22 -10.44 10.95
N HIS A 138 -25.36 -9.21 11.45
CA HIS A 138 -24.39 -8.64 12.36
C HIS A 138 -24.95 -7.47 13.15
N SER A 139 -24.26 -7.08 14.23
CA SER A 139 -24.66 -5.96 15.07
C SER A 139 -24.46 -4.64 14.31
N HIS A 140 -25.29 -3.65 14.65
CA HIS A 140 -25.17 -2.34 14.02
C HIS A 140 -24.92 -1.22 15.00
N PHE A 141 -24.45 -1.62 16.18
CA PHE A 141 -24.12 -0.70 17.26
C PHE A 141 -22.63 -0.42 17.09
N SER A 142 -22.32 0.56 16.24
CA SER A 142 -20.95 0.94 15.89
C SER A 142 -20.22 -0.26 15.27
N ALA A 143 -19.04 -0.58 15.76
CA ALA A 143 -18.26 -1.71 15.24
C ALA A 143 -18.38 -2.93 16.13
N GLN A 144 -19.41 -2.96 16.98
CA GLN A 144 -19.68 -4.05 17.93
C GLN A 144 -19.57 -5.47 17.34
N TYR A 145 -19.92 -5.60 16.06
CA TYR A 145 -19.86 -6.87 15.35
C TYR A 145 -18.42 -7.39 15.23
N GLY A 146 -17.47 -6.47 15.43
CA GLY A 146 -16.05 -6.79 15.41
C GLY A 146 -15.61 -7.59 16.63
N ASN A 147 -16.47 -7.62 17.65
CA ASN A 147 -16.22 -8.37 18.88
C ASN A 147 -16.81 -9.77 18.81
N GLY A 148 -17.56 -10.04 17.73
CA GLY A 148 -18.14 -11.37 17.53
C GLY A 148 -19.63 -11.51 17.40
N VAL A 149 -20.37 -10.40 17.30
CA VAL A 149 -21.83 -10.44 17.16
C VAL A 149 -22.17 -10.55 15.66
N VAL A 150 -21.74 -11.67 15.09
CA VAL A 150 -21.90 -12.00 13.68
C VAL A 150 -22.48 -13.41 13.55
N GLY A 151 -22.98 -13.71 12.35
CA GLY A 151 -23.54 -15.00 12.02
C GLY A 151 -23.97 -15.00 10.57
N THR A 152 -24.32 -16.19 10.09
CA THR A 152 -24.75 -16.40 8.71
C THR A 152 -26.24 -16.71 8.51
N ILE A 153 -26.73 -16.39 7.31
CA ILE A 153 -28.12 -16.65 6.93
C ILE A 153 -28.09 -17.48 5.63
N GLN A 154 -28.87 -18.54 5.62
CA GLN A 154 -28.98 -19.40 4.45
C GLN A 154 -30.45 -19.66 4.13
N ILE A 155 -30.97 -18.96 3.12
CA ILE A 155 -32.36 -19.14 2.71
C ILE A 155 -32.31 -20.02 1.46
N ASN A 156 -32.75 -21.27 1.61
CA ASN A 156 -32.76 -22.23 0.52
C ASN A 156 -33.76 -21.91 -0.57
N GLY A 157 -33.32 -22.12 -1.80
CA GLY A 157 -34.14 -21.88 -2.97
C GLY A 157 -33.46 -22.53 -4.15
N PRO A 158 -33.90 -22.25 -5.39
CA PRO A 158 -33.29 -22.85 -6.59
C PRO A 158 -31.94 -22.20 -6.95
N ALA A 159 -31.17 -22.85 -7.83
CA ALA A 159 -29.87 -22.34 -8.26
C ALA A 159 -29.73 -22.32 -9.79
N SER A 160 -28.68 -21.69 -10.31
CA SER A 160 -28.47 -21.58 -11.76
C SER A 160 -27.64 -22.69 -12.42
N LEU A 161 -27.27 -23.70 -11.63
CA LEU A 161 -26.46 -24.82 -12.13
C LEU A 161 -26.68 -26.03 -11.22
N PRO A 162 -26.70 -27.25 -11.80
CA PRO A 162 -26.88 -28.46 -10.99
C PRO A 162 -25.67 -28.80 -10.11
N TYR A 163 -25.96 -29.30 -8.90
CA TYR A 163 -24.94 -29.72 -7.92
C TYR A 163 -25.52 -30.84 -7.05
N ASP A 164 -24.64 -31.60 -6.41
CA ASP A 164 -25.08 -32.71 -5.58
C ASP A 164 -25.17 -32.41 -4.09
N ILE A 165 -24.09 -31.85 -3.54
CA ILE A 165 -24.01 -31.51 -2.12
C ILE A 165 -23.90 -29.99 -1.88
N ASP A 166 -24.59 -29.53 -0.84
CA ASP A 166 -24.57 -28.12 -0.43
C ASP A 166 -23.79 -28.17 0.89
N LEU A 167 -22.50 -27.79 0.83
CA LEU A 167 -21.60 -27.77 1.98
C LEU A 167 -21.97 -26.73 3.03
N GLY A 168 -22.86 -25.82 2.65
CA GLY A 168 -23.30 -24.78 3.56
C GLY A 168 -22.43 -23.55 3.52
N VAL A 169 -22.51 -22.80 4.60
CA VAL A 169 -21.77 -21.55 4.74
C VAL A 169 -20.28 -21.65 5.06
N PHE A 170 -19.51 -20.75 4.47
CA PHE A 170 -18.05 -20.70 4.66
C PHE A 170 -17.63 -19.25 5.01
N PRO A 171 -17.97 -18.77 6.23
CA PRO A 171 -17.60 -17.40 6.63
C PRO A 171 -16.13 -17.10 6.90
N ILE A 172 -15.55 -16.29 6.01
CA ILE A 172 -14.16 -15.87 6.13
C ILE A 172 -14.14 -14.45 6.72
N THR A 173 -13.45 -14.28 7.86
CA THR A 173 -13.36 -12.97 8.52
C THR A 173 -11.99 -12.64 9.08
N ASP A 174 -11.73 -11.34 9.23
CA ASP A 174 -10.48 -10.91 9.84
C ASP A 174 -10.63 -11.11 11.35
N TYR A 175 -9.52 -11.37 12.01
CA TYR A 175 -9.50 -11.63 13.43
C TYR A 175 -8.48 -10.75 14.12
N TYR A 176 -8.94 -9.96 15.08
CA TYR A 176 -8.12 -9.03 15.86
C TYR A 176 -8.14 -9.42 17.31
N TYR A 177 -6.98 -9.30 17.95
CA TYR A 177 -6.83 -9.61 19.38
C TYR A 177 -7.36 -8.44 20.20
N ARG A 178 -7.27 -7.23 19.65
CA ARG A 178 -7.76 -6.01 20.29
C ARG A 178 -9.25 -5.83 19.97
N ALA A 179 -10.03 -5.38 20.95
CA ALA A 179 -11.48 -5.19 20.81
C ALA A 179 -11.85 -4.09 19.83
N ALA A 180 -13.10 -4.13 19.34
CA ALA A 180 -13.64 -3.18 18.37
C ALA A 180 -13.64 -1.70 18.76
N ASP A 181 -14.02 -1.39 19.99
CA ASP A 181 -14.06 0.01 20.47
C ASP A 181 -12.68 0.62 20.61
N ASP A 182 -11.68 -0.23 20.82
CA ASP A 182 -10.29 0.20 20.94
C ASP A 182 -9.71 0.43 19.55
N LEU A 183 -10.20 -0.33 18.59
CA LEU A 183 -9.78 -0.22 17.20
C LEU A 183 -10.44 0.95 16.50
N VAL A 184 -11.64 1.33 16.95
CA VAL A 184 -12.35 2.48 16.39
C VAL A 184 -11.60 3.72 16.85
N HIS A 185 -11.17 3.68 18.12
CA HIS A 185 -10.41 4.75 18.75
C HIS A 185 -9.01 4.90 18.10
N PHE A 186 -8.39 3.75 17.76
CA PHE A 186 -7.07 3.74 17.12
C PHE A 186 -7.15 4.31 15.70
N THR A 187 -8.12 3.81 14.93
CA THR A 187 -8.34 4.23 13.55
C THR A 187 -8.78 5.67 13.33
N GLN A 188 -9.32 6.29 14.38
CA GLN A 188 -9.77 7.68 14.33
C GLN A 188 -8.59 8.63 14.09
N ASN A 189 -7.42 8.26 14.58
CA ASN A 189 -6.20 9.05 14.45
C ASN A 189 -5.04 8.31 13.80
N ASN A 190 -5.21 7.01 13.55
CA ASN A 190 -4.16 6.20 12.93
C ASN A 190 -4.70 5.36 11.79
N ALA A 191 -3.79 4.95 10.91
CA ALA A 191 -4.12 4.12 9.75
C ALA A 191 -4.48 2.73 10.26
N PRO A 192 -5.54 2.11 9.71
CA PRO A 192 -5.98 0.77 10.12
C PRO A 192 -4.87 -0.28 10.09
N PRO A 193 -4.74 -1.08 11.17
CA PRO A 193 -3.71 -2.12 11.21
C PRO A 193 -4.11 -3.37 10.43
N PHE A 194 -3.13 -4.24 10.21
CA PHE A 194 -3.35 -5.52 9.53
C PHE A 194 -4.02 -6.43 10.54
N SER A 195 -4.73 -7.45 10.07
CA SER A 195 -5.36 -8.37 11.00
C SER A 195 -4.33 -9.28 11.63
N ASP A 196 -4.60 -9.71 12.86
CA ASP A 196 -3.70 -10.59 13.60
C ASP A 196 -3.73 -12.00 13.01
N ASN A 197 -4.89 -12.35 12.45
CA ASN A 197 -5.14 -13.63 11.81
C ASN A 197 -6.44 -13.49 11.02
N VAL A 198 -6.75 -14.51 10.24
CA VAL A 198 -7.96 -14.56 9.43
C VAL A 198 -8.60 -15.92 9.69
N LEU A 199 -9.81 -15.91 10.24
CA LEU A 199 -10.55 -17.12 10.52
C LEU A 199 -11.33 -17.56 9.29
N ILE A 200 -11.27 -18.86 8.99
CA ILE A 200 -12.02 -19.44 7.90
C ILE A 200 -12.92 -20.46 8.60
N ASN A 201 -14.22 -20.17 8.63
CA ASN A 201 -15.26 -20.99 9.27
C ASN A 201 -15.01 -21.10 10.80
N GLY A 202 -14.71 -19.93 11.38
CA GLY A 202 -14.46 -19.83 12.81
C GLY A 202 -13.17 -20.41 13.35
N THR A 203 -12.19 -20.68 12.48
CA THR A 203 -10.91 -21.26 12.89
C THR A 203 -9.69 -20.89 12.02
N ALA A 204 -8.51 -20.96 12.63
CA ALA A 204 -7.23 -20.67 11.97
C ALA A 204 -6.07 -21.17 12.83
N VAL A 205 -4.89 -21.16 12.24
CA VAL A 205 -3.65 -21.56 12.90
C VAL A 205 -2.86 -20.29 13.18
N ASN A 206 -2.25 -20.24 14.36
CA ASN A 206 -1.44 -19.10 14.79
C ASN A 206 -0.07 -19.22 14.09
N PRO A 207 0.32 -18.22 13.27
CA PRO A 207 1.60 -18.21 12.54
C PRO A 207 2.89 -18.15 13.38
N ASN A 208 2.74 -17.82 14.66
CA ASN A 208 3.87 -17.71 15.58
C ASN A 208 4.01 -18.96 16.45
N THR A 209 2.88 -19.44 16.98
CA THR A 209 2.87 -20.63 17.84
C THR A 209 2.61 -21.94 17.10
N GLY A 210 1.53 -21.98 16.34
CA GLY A 210 1.17 -23.18 15.60
C GLY A 210 -0.09 -23.80 16.17
N GLU A 211 -0.64 -23.16 17.22
CA GLU A 211 -1.86 -23.61 17.90
C GLU A 211 -3.12 -23.38 17.05
N GLY A 212 -4.10 -24.26 17.21
CA GLY A 212 -5.33 -24.18 16.46
C GLY A 212 -5.33 -25.14 15.28
N GLN A 213 -6.42 -25.11 14.51
CA GLN A 213 -6.60 -25.97 13.34
C GLN A 213 -6.98 -25.21 12.07
N TYR A 214 -6.71 -25.82 10.92
CA TYR A 214 -7.09 -25.26 9.63
C TYR A 214 -8.52 -25.75 9.43
N ALA A 215 -9.32 -25.03 8.64
CA ALA A 215 -10.69 -25.45 8.36
C ALA A 215 -10.61 -26.67 7.45
N ASN A 216 -11.35 -27.71 7.79
CA ASN A 216 -11.31 -28.94 7.03
C ASN A 216 -12.63 -29.28 6.32
N VAL A 217 -12.64 -29.08 5.01
CA VAL A 217 -13.81 -29.36 4.18
C VAL A 217 -13.58 -30.69 3.46
N THR A 218 -14.52 -31.61 3.64
CA THR A 218 -14.44 -32.92 3.00
C THR A 218 -15.23 -32.92 1.69
N LEU A 219 -14.49 -33.14 0.61
CA LEU A 219 -15.03 -33.22 -0.74
C LEU A 219 -15.23 -34.68 -1.13
N THR A 220 -16.38 -34.97 -1.75
CA THR A 220 -16.70 -36.32 -2.21
C THR A 220 -16.30 -36.41 -3.69
N PRO A 221 -15.38 -37.36 -4.05
CA PRO A 221 -14.89 -37.56 -5.43
C PRO A 221 -15.95 -37.72 -6.52
N GLY A 222 -15.88 -36.83 -7.51
CA GLY A 222 -16.80 -36.86 -8.64
C GLY A 222 -18.11 -36.10 -8.52
N LYS A 223 -18.36 -35.56 -7.33
CA LYS A 223 -19.58 -34.81 -7.09
C LYS A 223 -19.37 -33.30 -7.09
N ARG A 224 -20.39 -32.58 -7.57
CA ARG A 224 -20.37 -31.12 -7.64
C ARG A 224 -20.85 -30.54 -6.29
N HIS A 225 -19.95 -29.84 -5.61
CA HIS A 225 -20.22 -29.23 -4.31
C HIS A 225 -20.48 -27.73 -4.33
N ARG A 226 -21.63 -27.31 -3.78
CA ARG A 226 -21.96 -25.88 -3.69
C ARG A 226 -21.34 -25.33 -2.41
N LEU A 227 -20.53 -24.28 -2.54
CA LEU A 227 -19.89 -23.63 -1.41
C LEU A 227 -20.35 -22.17 -1.32
N ARG A 228 -20.84 -21.78 -0.16
CA ARG A 228 -21.36 -20.43 0.08
C ARG A 228 -20.34 -19.60 0.87
N ILE A 229 -19.45 -18.95 0.12
CA ILE A 229 -18.37 -18.12 0.65
C ILE A 229 -18.85 -16.71 1.06
N LEU A 230 -18.49 -16.30 2.27
CA LEU A 230 -18.86 -14.98 2.81
C LEU A 230 -17.64 -14.26 3.38
N ASN A 231 -17.68 -12.94 3.29
CA ASN A 231 -16.64 -12.09 3.85
C ASN A 231 -17.37 -11.31 4.95
N THR A 232 -17.20 -11.76 6.19
CA THR A 232 -17.85 -11.11 7.32
C THR A 232 -16.91 -10.19 8.12
N SER A 233 -15.86 -9.73 7.44
CA SER A 233 -14.82 -8.85 7.99
C SER A 233 -15.26 -7.47 8.45
N THR A 234 -14.35 -6.79 9.14
CA THR A 234 -14.57 -5.42 9.60
C THR A 234 -13.80 -4.47 8.70
N GLU A 235 -12.73 -4.97 8.07
CA GLU A 235 -11.91 -4.17 7.16
C GLU A 235 -11.33 -5.00 6.02
N ASN A 236 -10.77 -6.16 6.33
CA ASN A 236 -10.16 -7.04 5.33
C ASN A 236 -11.01 -7.47 4.13
N HIS A 237 -10.46 -7.28 2.93
CA HIS A 237 -11.09 -7.66 1.66
C HIS A 237 -10.23 -8.81 1.13
N PHE A 238 -10.90 -9.92 0.85
CA PHE A 238 -10.23 -11.14 0.42
C PHE A 238 -10.26 -11.55 -1.01
N GLN A 239 -9.20 -12.27 -1.39
CA GLN A 239 -9.05 -12.87 -2.71
C GLN A 239 -9.00 -14.35 -2.33
N VAL A 240 -9.91 -15.13 -2.90
CA VAL A 240 -9.95 -16.56 -2.59
C VAL A 240 -9.70 -17.44 -3.81
N SER A 241 -8.96 -18.54 -3.60
CA SER A 241 -8.62 -19.51 -4.66
C SER A 241 -8.32 -20.88 -4.09
N LEU A 242 -8.64 -21.92 -4.86
CA LEU A 242 -8.38 -23.30 -4.46
C LEU A 242 -7.34 -23.86 -5.42
N VAL A 243 -6.24 -24.37 -4.85
CA VAL A 243 -5.12 -24.95 -5.60
C VAL A 243 -5.59 -26.11 -6.50
N ASN A 244 -5.24 -26.01 -7.79
CA ASN A 244 -5.59 -26.98 -8.84
C ASN A 244 -7.06 -27.07 -9.26
N HIS A 245 -7.90 -26.17 -8.74
CA HIS A 245 -9.33 -26.15 -9.06
C HIS A 245 -9.85 -24.79 -9.50
N THR A 246 -11.00 -24.83 -10.17
CA THR A 246 -11.71 -23.64 -10.61
C THR A 246 -12.95 -23.56 -9.73
N MET A 247 -13.53 -22.36 -9.68
CA MET A 247 -14.75 -22.11 -8.91
C MET A 247 -15.78 -21.56 -9.90
N THR A 248 -16.99 -22.13 -9.89
CA THR A 248 -18.04 -21.70 -10.79
C THR A 248 -19.11 -20.96 -10.01
N VAL A 249 -19.09 -19.64 -10.13
CA VAL A 249 -20.03 -18.76 -9.43
C VAL A 249 -21.45 -18.90 -9.96
N ILE A 250 -22.36 -19.20 -9.05
CA ILE A 250 -23.77 -19.33 -9.39
C ILE A 250 -24.61 -18.24 -8.72
N ALA A 251 -23.97 -17.45 -7.84
CA ALA A 251 -24.63 -16.34 -7.12
C ALA A 251 -23.69 -15.28 -6.54
N ALA A 252 -24.03 -14.02 -6.79
CA ALA A 252 -23.29 -12.86 -6.27
C ALA A 252 -24.23 -12.25 -5.24
N ASP A 253 -23.82 -12.30 -3.98
CA ASP A 253 -24.62 -11.83 -2.82
C ASP A 253 -25.91 -12.67 -2.75
N MET A 254 -27.09 -12.04 -2.69
CA MET A 254 -28.32 -12.82 -2.64
C MET A 254 -29.05 -12.80 -3.98
N VAL A 255 -28.27 -12.57 -5.04
CA VAL A 255 -28.76 -12.50 -6.41
C VAL A 255 -28.12 -13.63 -7.24
N PRO A 256 -28.91 -14.61 -7.74
CA PRO A 256 -28.39 -15.72 -8.54
C PRO A 256 -27.94 -15.23 -9.91
N VAL A 257 -26.71 -15.60 -10.29
CA VAL A 257 -26.13 -15.21 -11.58
C VAL A 257 -25.88 -16.38 -12.53
N ASN A 258 -25.75 -16.08 -13.83
CA ASN A 258 -25.46 -17.09 -14.85
C ASN A 258 -24.06 -17.63 -14.57
N ALA A 259 -23.88 -18.95 -14.69
CA ALA A 259 -22.60 -19.64 -14.44
C ALA A 259 -21.38 -18.92 -15.01
N MET A 260 -20.39 -18.70 -14.14
CA MET A 260 -19.16 -18.01 -14.50
C MET A 260 -17.98 -18.66 -13.78
N THR A 261 -17.19 -19.39 -14.56
CA THR A 261 -16.01 -20.09 -14.08
C THR A 261 -14.81 -19.14 -13.95
N VAL A 262 -14.16 -19.19 -12.77
CA VAL A 262 -13.00 -18.36 -12.44
C VAL A 262 -11.94 -19.16 -11.65
N ASP A 263 -10.71 -18.62 -11.60
CA ASP A 263 -9.63 -19.25 -10.85
C ASP A 263 -9.59 -18.64 -9.45
N SER A 264 -9.96 -17.37 -9.37
CA SER A 264 -9.99 -16.63 -8.11
C SER A 264 -11.14 -15.65 -8.02
N LEU A 265 -11.52 -15.33 -6.79
CA LEU A 265 -12.61 -14.40 -6.52
C LEU A 265 -12.30 -13.35 -5.50
N PHE A 266 -12.69 -12.13 -5.81
CA PHE A 266 -12.52 -11.03 -4.88
C PHE A 266 -13.80 -10.90 -4.08
N LEU A 267 -13.64 -10.83 -2.75
CA LEU A 267 -14.76 -10.66 -1.85
C LEU A 267 -14.54 -9.41 -0.98
N ALA A 268 -15.32 -8.37 -1.25
CA ALA A 268 -15.25 -7.14 -0.46
C ALA A 268 -15.96 -7.38 0.84
N VAL A 269 -15.79 -6.48 1.81
CA VAL A 269 -16.44 -6.59 3.11
C VAL A 269 -17.95 -6.61 2.94
N GLY A 270 -18.54 -7.75 3.29
CA GLY A 270 -19.98 -7.91 3.18
C GLY A 270 -20.41 -8.68 1.95
N GLN A 271 -19.46 -9.03 1.08
CA GLN A 271 -19.79 -9.76 -0.13
C GLN A 271 -19.87 -11.27 0.07
N ARG A 272 -20.80 -11.86 -0.68
CA ARG A 272 -21.02 -13.30 -0.65
C ARG A 272 -20.90 -13.82 -2.07
N TYR A 273 -20.55 -15.11 -2.18
CA TYR A 273 -20.42 -15.80 -3.46
C TYR A 273 -20.74 -17.28 -3.31
N ASP A 274 -21.75 -17.75 -4.03
CA ASP A 274 -22.10 -19.17 -4.00
C ASP A 274 -21.38 -19.78 -5.19
N VAL A 275 -20.42 -20.66 -4.91
CA VAL A 275 -19.66 -21.32 -5.96
C VAL A 275 -19.88 -22.81 -5.99
N VAL A 276 -19.69 -23.40 -7.18
CA VAL A 276 -19.81 -24.84 -7.38
C VAL A 276 -18.37 -25.32 -7.66
N ILE A 277 -17.87 -26.16 -6.76
CA ILE A 277 -16.54 -26.74 -6.87
C ILE A 277 -16.70 -28.20 -7.29
N ASP A 278 -16.12 -28.55 -8.44
CA ASP A 278 -16.19 -29.90 -8.96
C ASP A 278 -14.99 -30.69 -8.45
N ALA A 279 -15.26 -31.82 -7.81
CA ALA A 279 -14.22 -32.68 -7.26
C ALA A 279 -13.68 -33.60 -8.36
N SER A 280 -13.19 -32.94 -9.43
CA SER A 280 -12.67 -33.59 -10.63
C SER A 280 -11.15 -33.74 -10.75
N ARG A 281 -10.43 -33.48 -9.66
CA ARG A 281 -8.97 -33.61 -9.63
C ARG A 281 -8.52 -34.84 -8.85
N ALA A 282 -7.22 -35.10 -8.85
CA ALA A 282 -6.58 -36.24 -8.16
C ALA A 282 -6.84 -36.25 -6.64
N PRO A 283 -7.23 -37.42 -6.07
CA PRO A 283 -7.51 -37.58 -4.63
C PRO A 283 -6.35 -37.20 -3.70
N ASP A 284 -6.41 -35.96 -3.22
CA ASP A 284 -5.38 -35.40 -2.34
C ASP A 284 -5.96 -34.27 -1.50
N ASN A 285 -5.09 -33.63 -0.72
CA ASN A 285 -5.45 -32.50 0.12
C ASN A 285 -5.01 -31.24 -0.62
N TYR A 286 -5.94 -30.30 -0.78
CA TYR A 286 -5.65 -29.04 -1.48
C TYR A 286 -5.84 -27.80 -0.60
N TRP A 287 -5.00 -26.80 -0.79
CA TRP A 287 -5.07 -25.55 -0.02
C TRP A 287 -6.11 -24.59 -0.60
N PHE A 288 -6.88 -23.98 0.30
CA PHE A 288 -7.86 -22.97 -0.06
C PHE A 288 -7.12 -21.74 0.43
N ASN A 289 -6.70 -20.88 -0.49
CA ASN A 289 -5.94 -19.69 -0.10
C ASN A 289 -6.63 -18.35 -0.04
N VAL A 290 -6.31 -17.63 1.03
CA VAL A 290 -6.79 -16.27 1.27
C VAL A 290 -5.60 -15.35 1.00
N THR A 291 -5.65 -14.64 -0.13
CA THR A 291 -4.58 -13.72 -0.51
C THR A 291 -5.01 -12.27 -0.46
N PHE A 292 -4.03 -11.38 -0.52
CA PHE A 292 -4.26 -9.94 -0.51
C PHE A 292 -3.63 -9.26 -1.72
N GLY A 293 -4.52 -8.68 -2.51
CA GLY A 293 -4.11 -7.95 -3.68
C GLY A 293 -4.50 -6.52 -3.42
N GLY A 294 -4.16 -5.66 -4.38
CA GLY A 294 -4.47 -4.26 -4.24
C GLY A 294 -3.47 -3.57 -3.36
N GLN A 295 -2.26 -4.14 -3.33
CA GLN A 295 -1.12 -3.64 -2.56
C GLN A 295 -1.46 -2.93 -1.23
N ALA A 296 -2.16 -3.69 -0.37
CA ALA A 296 -2.65 -3.27 0.96
C ALA A 296 -3.48 -2.00 1.03
N ALA A 297 -4.22 -1.75 -0.05
CA ALA A 297 -5.11 -0.59 -0.14
C ALA A 297 -6.43 -0.94 0.52
N CYS A 298 -6.78 -2.23 0.50
CA CYS A 298 -8.01 -2.71 1.12
C CYS A 298 -7.74 -3.82 2.13
N GLY A 299 -6.66 -3.65 2.90
CA GLY A 299 -6.31 -4.60 3.95
C GLY A 299 -5.15 -5.56 3.75
N GLY A 300 -4.85 -6.26 4.85
CA GLY A 300 -3.80 -7.25 4.92
C GLY A 300 -3.84 -8.01 6.25
N SER A 301 -2.94 -8.98 6.42
CA SER A 301 -2.89 -9.76 7.66
C SER A 301 -1.49 -10.10 8.11
N LEU A 302 -1.33 -10.22 9.43
CA LEU A 302 -0.06 -10.58 10.04
C LEU A 302 0.23 -12.08 9.87
N ASN A 303 -0.79 -12.82 9.45
CA ASN A 303 -0.66 -14.23 9.13
C ASN A 303 -0.35 -14.10 7.63
N PRO A 304 0.88 -14.46 7.22
CA PRO A 304 1.21 -14.34 5.80
C PRO A 304 0.41 -15.26 4.87
N HIS A 305 0.05 -16.45 5.36
CA HIS A 305 -0.69 -17.42 4.55
C HIS A 305 -1.91 -18.08 5.21
N PRO A 306 -3.05 -17.34 5.32
CA PRO A 306 -4.25 -17.93 5.92
C PRO A 306 -4.85 -18.91 4.92
N ALA A 307 -5.09 -20.14 5.37
CA ALA A 307 -5.60 -21.16 4.50
C ALA A 307 -6.45 -22.22 5.18
N ALA A 308 -7.22 -22.93 4.34
CA ALA A 308 -8.10 -24.02 4.75
C ALA A 308 -7.72 -25.23 3.92
N ILE A 309 -7.99 -26.42 4.45
CA ILE A 309 -7.69 -27.68 3.76
C ILE A 309 -8.96 -28.27 3.16
N PHE A 310 -8.88 -28.64 1.88
CA PHE A 310 -9.98 -29.30 1.19
C PHE A 310 -9.55 -30.75 0.94
N HIS A 311 -10.05 -31.63 1.83
CA HIS A 311 -9.74 -33.05 1.78
C HIS A 311 -10.73 -33.87 0.94
N TYR A 312 -10.17 -34.68 0.03
CA TYR A 312 -10.97 -35.57 -0.80
C TYR A 312 -11.16 -36.83 0.03
N ALA A 313 -12.41 -37.30 0.14
CA ALA A 313 -12.73 -38.51 0.91
C ALA A 313 -12.01 -39.75 0.35
N GLY A 314 -11.28 -40.44 1.22
CA GLY A 314 -10.54 -41.63 0.82
C GLY A 314 -9.06 -41.36 0.58
N ALA A 315 -8.68 -40.09 0.62
CA ALA A 315 -7.30 -39.65 0.44
C ALA A 315 -6.59 -39.62 1.79
N PRO A 316 -5.22 -39.63 1.82
CA PRO A 316 -4.50 -39.59 3.10
C PRO A 316 -4.69 -38.27 3.83
N GLY A 317 -4.44 -38.28 5.14
CA GLY A 317 -4.58 -37.08 5.94
C GLY A 317 -3.43 -36.10 5.83
N GLY A 318 -3.24 -35.29 6.87
CA GLY A 318 -2.16 -34.32 6.90
C GLY A 318 -2.40 -33.02 6.13
N LEU A 319 -1.32 -32.25 6.02
CA LEU A 319 -1.34 -30.96 5.34
C LEU A 319 -1.03 -31.09 3.85
N PRO A 320 -1.60 -30.21 3.00
CA PRO A 320 -1.36 -30.23 1.54
C PRO A 320 0.09 -29.91 1.24
N THR A 321 0.64 -30.64 0.27
CA THR A 321 2.05 -30.51 -0.11
C THR A 321 2.33 -29.46 -1.18
N ASP A 322 1.32 -29.15 -2.00
CA ASP A 322 1.43 -28.17 -3.07
C ASP A 322 1.02 -26.78 -2.56
N GLU A 323 1.99 -25.89 -2.42
CA GLU A 323 1.76 -24.52 -1.96
C GLU A 323 0.99 -23.70 -2.98
N GLY A 324 1.15 -24.08 -4.25
CA GLY A 324 0.46 -23.41 -5.35
C GLY A 324 1.09 -22.14 -5.89
N THR A 325 0.43 -21.59 -6.90
CA THR A 325 0.85 -20.38 -7.58
C THR A 325 -0.02 -19.21 -7.08
N PRO A 326 0.59 -18.05 -6.71
CA PRO A 326 -0.21 -16.90 -6.23
C PRO A 326 -1.19 -16.39 -7.29
N PRO A 327 -2.47 -16.21 -6.92
CA PRO A 327 -3.50 -15.72 -7.85
C PRO A 327 -3.34 -14.28 -8.32
N VAL A 328 -4.09 -13.94 -9.37
CA VAL A 328 -4.10 -12.61 -9.98
C VAL A 328 -4.50 -11.49 -9.01
N ASP A 329 -3.83 -10.35 -9.15
CA ASP A 329 -4.09 -9.18 -8.31
C ASP A 329 -5.42 -8.55 -8.76
N HIS A 330 -6.43 -8.66 -7.91
CA HIS A 330 -7.76 -8.12 -8.21
C HIS A 330 -7.86 -6.60 -8.03
N GLN A 331 -6.80 -6.02 -7.48
CA GLN A 331 -6.67 -4.58 -7.25
C GLN A 331 -7.83 -3.92 -6.50
N CYS A 332 -8.28 -4.61 -5.45
CA CYS A 332 -9.39 -4.19 -4.59
C CYS A 332 -10.70 -3.94 -5.32
N LEU A 333 -10.95 -4.72 -6.38
CA LEU A 333 -12.15 -4.58 -7.20
C LEU A 333 -12.88 -5.89 -7.41
N ASP A 334 -14.20 -5.86 -7.22
CA ASP A 334 -15.05 -7.03 -7.44
C ASP A 334 -15.39 -7.13 -8.91
N THR A 335 -15.51 -8.36 -9.42
CA THR A 335 -15.81 -8.57 -10.82
C THR A 335 -17.21 -8.13 -11.23
N LEU A 336 -17.25 -7.38 -12.32
CA LEU A 336 -18.49 -6.89 -12.87
C LEU A 336 -18.95 -7.72 -14.07
N ASP A 337 -18.32 -8.87 -14.27
CA ASP A 337 -18.67 -9.76 -15.37
C ASP A 337 -19.94 -10.58 -15.07
N VAL A 338 -20.32 -10.64 -13.80
CA VAL A 338 -21.53 -11.35 -13.33
C VAL A 338 -22.84 -10.80 -13.90
N ARG A 339 -23.64 -11.70 -14.47
CA ARG A 339 -24.93 -11.35 -15.08
C ARG A 339 -26.06 -12.12 -14.40
N PRO A 340 -26.97 -11.40 -13.70
CA PRO A 340 -28.12 -12.00 -12.98
C PRO A 340 -29.01 -12.87 -13.89
N VAL A 341 -29.65 -13.89 -13.29
CA VAL A 341 -30.54 -14.78 -14.05
C VAL A 341 -31.78 -14.01 -14.46
N VAL A 342 -32.42 -13.35 -13.48
CA VAL A 342 -33.59 -12.50 -13.71
C VAL A 342 -33.00 -11.14 -14.12
N PRO A 343 -33.24 -10.70 -15.39
CA PRO A 343 -32.70 -9.42 -15.85
C PRO A 343 -33.44 -8.15 -15.48
N ARG A 344 -32.73 -7.04 -15.60
CA ARG A 344 -33.22 -5.68 -15.34
C ARG A 344 -32.62 -4.81 -16.43
N SER A 345 -33.41 -3.87 -16.94
CA SER A 345 -32.95 -2.96 -17.98
C SER A 345 -33.16 -1.51 -17.59
N VAL A 346 -32.12 -0.69 -17.76
CA VAL A 346 -32.15 0.74 -17.42
C VAL A 346 -31.46 1.63 -18.45
N PRO A 347 -32.03 2.83 -18.72
CA PRO A 347 -31.38 3.72 -19.69
C PRO A 347 -30.14 4.35 -19.03
N VAL A 348 -28.98 4.19 -19.65
CA VAL A 348 -27.73 4.77 -19.15
C VAL A 348 -27.28 5.97 -19.95
N ASN A 349 -27.88 6.14 -21.14
CA ASN A 349 -27.57 7.23 -22.05
C ASN A 349 -28.15 8.58 -21.56
N SER A 350 -29.23 8.48 -20.79
CA SER A 350 -29.96 9.61 -20.24
C SER A 350 -29.34 10.24 -18.99
N PHE A 351 -28.25 9.63 -18.48
CA PHE A 351 -27.58 10.12 -17.28
C PHE A 351 -26.85 11.47 -17.39
N VAL A 352 -27.20 12.36 -16.46
CA VAL A 352 -26.61 13.70 -16.35
C VAL A 352 -26.16 13.86 -14.88
N LYS A 353 -24.91 14.29 -14.69
CA LYS A 353 -24.32 14.52 -13.37
C LYS A 353 -24.85 15.84 -12.79
N ARG A 354 -25.76 15.71 -11.84
CA ARG A 354 -26.39 16.85 -11.16
C ARG A 354 -26.08 16.73 -9.65
N PRO A 355 -25.99 17.87 -8.92
CA PRO A 355 -25.70 17.81 -7.48
C PRO A 355 -26.63 16.92 -6.62
N ASP A 356 -27.89 16.79 -7.02
CA ASP A 356 -28.85 15.97 -6.27
C ASP A 356 -28.78 14.47 -6.53
N ASN A 357 -27.84 14.06 -7.39
CA ASN A 357 -27.59 12.65 -7.70
C ASN A 357 -26.12 12.29 -7.46
N THR A 358 -25.34 13.30 -7.07
CA THR A 358 -23.91 13.14 -6.82
C THR A 358 -23.58 13.07 -5.33
N LEU A 359 -22.89 12.00 -4.93
CA LEU A 359 -22.47 11.79 -3.53
C LEU A 359 -20.94 11.77 -3.42
N PRO A 360 -20.30 12.94 -3.15
CA PRO A 360 -18.85 13.05 -3.02
C PRO A 360 -18.33 12.58 -1.67
N VAL A 361 -17.42 11.59 -1.70
CA VAL A 361 -16.80 11.04 -0.50
C VAL A 361 -15.50 11.82 -0.32
N ALA A 362 -15.32 12.38 0.86
CA ALA A 362 -14.11 13.12 1.16
C ALA A 362 -13.62 12.81 2.56
N LEU A 363 -12.30 12.84 2.71
CA LEU A 363 -11.68 12.61 3.98
C LEU A 363 -11.25 13.99 4.49
N ASP A 364 -11.75 14.37 5.66
CA ASP A 364 -11.42 15.65 6.26
C ASP A 364 -10.27 15.40 7.24
N LEU A 365 -9.17 16.13 7.07
CA LEU A 365 -7.97 16.02 7.91
C LEU A 365 -7.67 17.29 8.69
N THR A 366 -8.59 18.25 8.68
CA THR A 366 -8.39 19.52 9.36
C THR A 366 -8.84 19.58 10.82
N GLY A 367 -9.84 18.77 11.19
CA GLY A 367 -10.35 18.76 12.55
C GLY A 367 -9.81 17.66 13.47
N THR A 368 -10.52 17.46 14.57
CA THR A 368 -10.20 16.44 15.58
C THR A 368 -11.42 15.50 15.66
N PRO A 369 -11.24 14.17 15.45
CA PRO A 369 -10.03 13.39 15.13
C PRO A 369 -9.54 13.55 13.69
N LEU A 370 -8.36 13.00 13.40
CA LEU A 370 -7.78 13.09 12.08
C LEU A 370 -8.58 12.43 10.96
N PHE A 371 -9.00 11.18 11.18
CA PHE A 371 -9.76 10.46 10.17
C PHE A 371 -11.27 10.55 10.38
N VAL A 372 -11.84 11.51 9.66
CA VAL A 372 -13.27 11.83 9.66
C VAL A 372 -13.69 11.71 8.20
N TRP A 373 -14.58 10.76 7.93
CA TRP A 373 -15.07 10.53 6.57
C TRP A 373 -16.37 11.27 6.27
N LYS A 374 -16.36 12.12 5.25
CA LYS A 374 -17.51 12.94 4.91
C LYS A 374 -18.13 12.65 3.56
N VAL A 375 -19.46 12.58 3.51
CA VAL A 375 -20.16 12.35 2.27
C VAL A 375 -21.04 13.58 2.03
N ASN A 376 -20.69 14.34 0.98
CA ASN A 376 -21.35 15.59 0.58
C ASN A 376 -21.13 16.70 1.63
N GLY A 377 -19.91 16.76 2.14
CA GLY A 377 -19.50 17.73 3.13
C GLY A 377 -19.93 17.46 4.56
N SER A 378 -20.45 16.25 4.81
CA SER A 378 -20.93 15.89 6.14
C SER A 378 -20.67 14.45 6.56
N ASP A 379 -20.12 14.30 7.77
CA ASP A 379 -19.84 13.00 8.37
C ASP A 379 -21.07 12.61 9.19
N ILE A 380 -21.63 11.44 8.90
CA ILE A 380 -22.84 10.97 9.58
C ILE A 380 -22.68 10.77 11.10
N ASN A 381 -23.76 11.07 11.82
CA ASN A 381 -23.84 10.92 13.27
C ASN A 381 -25.31 10.77 13.62
N VAL A 382 -25.73 9.51 13.71
CA VAL A 382 -27.11 9.16 14.03
C VAL A 382 -27.41 9.33 15.52
N ASP A 383 -28.68 9.58 15.83
CA ASP A 383 -29.11 9.76 17.21
C ASP A 383 -29.77 8.48 17.71
N TRP A 384 -29.08 7.78 18.59
CA TRP A 384 -29.54 6.54 19.22
C TRP A 384 -30.79 6.77 20.05
N GLY A 385 -30.91 8.00 20.58
CA GLY A 385 -32.04 8.43 21.39
C GLY A 385 -33.25 8.90 20.58
N LYS A 386 -33.01 9.43 19.38
CA LYS A 386 -34.08 9.89 18.50
C LYS A 386 -33.82 9.49 17.03
N PRO A 387 -34.25 8.28 16.63
CA PRO A 387 -34.07 7.74 15.28
C PRO A 387 -34.89 8.45 14.22
N ILE A 388 -34.56 8.21 12.94
CA ILE A 388 -35.26 8.80 11.81
C ILE A 388 -36.73 8.41 11.75
N ILE A 389 -37.03 7.17 12.16
CA ILE A 389 -38.41 6.68 12.18
C ILE A 389 -39.27 7.46 13.18
N ASP A 390 -38.63 8.01 14.21
CA ASP A 390 -39.35 8.81 15.21
C ASP A 390 -39.82 10.12 14.60
N TYR A 391 -38.99 10.68 13.70
CA TYR A 391 -39.30 11.92 12.98
C TYR A 391 -40.47 11.69 12.01
N ILE A 392 -40.51 10.47 11.44
CA ILE A 392 -41.56 10.04 10.51
C ILE A 392 -42.90 9.85 11.23
N LEU A 393 -42.86 9.19 12.38
CA LEU A 393 -44.04 8.92 13.21
C LEU A 393 -44.63 10.12 13.93
N THR A 394 -43.82 11.14 14.14
CA THR A 394 -44.26 12.36 14.81
C THR A 394 -44.54 13.51 13.84
N GLY A 395 -44.36 13.24 12.54
CA GLY A 395 -44.59 14.24 11.50
C GLY A 395 -43.61 15.40 11.47
N ASN A 396 -42.39 15.13 11.95
CA ASN A 396 -41.32 16.11 12.04
C ASN A 396 -40.38 15.94 10.83
N THR A 397 -40.29 16.98 10.00
CA THR A 397 -39.43 16.93 8.80
C THR A 397 -38.10 17.68 8.95
N SER A 398 -37.86 18.21 10.15
CA SER A 398 -36.62 18.93 10.44
C SER A 398 -35.52 17.94 10.85
N TYR A 399 -35.07 17.16 9.85
CA TYR A 399 -34.03 16.15 10.03
C TYR A 399 -32.69 16.88 10.20
N PRO A 400 -31.87 16.47 11.19
CA PRO A 400 -30.56 17.11 11.44
C PRO A 400 -29.59 16.91 10.29
N VAL A 401 -28.65 17.84 10.16
CA VAL A 401 -27.61 17.82 9.14
C VAL A 401 -26.76 16.54 9.22
N SER A 402 -26.44 16.15 10.45
CA SER A 402 -25.63 14.96 10.75
C SER A 402 -26.26 13.62 10.40
N ASP A 403 -27.57 13.62 10.15
CA ASP A 403 -28.27 12.39 9.80
C ASP A 403 -28.13 12.02 8.33
N ASN A 404 -27.57 12.96 7.54
CA ASN A 404 -27.30 12.84 6.10
C ASN A 404 -28.46 12.25 5.28
N ILE A 405 -29.60 12.91 5.41
CA ILE A 405 -30.83 12.54 4.73
C ILE A 405 -30.86 12.96 3.27
N VAL A 406 -30.88 11.95 2.40
CA VAL A 406 -30.98 12.16 0.98
C VAL A 406 -32.39 11.63 0.66
N GLN A 407 -33.34 12.56 0.70
CA GLN A 407 -34.75 12.26 0.45
C GLN A 407 -35.08 12.02 -1.02
N VAL A 408 -35.56 10.81 -1.29
CA VAL A 408 -35.95 10.37 -2.62
C VAL A 408 -37.47 10.22 -2.67
N ASP A 409 -38.15 11.18 -3.31
CA ASP A 409 -39.61 11.18 -3.42
C ASP A 409 -40.14 10.32 -4.57
N ALA A 410 -39.25 9.96 -5.50
CA ALA A 410 -39.57 9.12 -6.67
C ALA A 410 -40.29 7.85 -6.28
N VAL A 411 -41.46 7.64 -6.86
CA VAL A 411 -42.30 6.47 -6.56
C VAL A 411 -42.14 5.33 -7.58
N ASP A 412 -41.50 4.25 -7.14
CA ASP A 412 -41.27 3.03 -7.92
C ASP A 412 -40.53 3.26 -9.26
N GLN A 413 -39.60 4.22 -9.24
CA GLN A 413 -38.80 4.57 -10.42
C GLN A 413 -37.31 4.37 -10.13
N TRP A 414 -36.54 4.15 -11.19
CA TRP A 414 -35.09 3.98 -11.09
C TRP A 414 -34.39 5.29 -10.75
N THR A 415 -33.53 5.24 -9.74
CA THR A 415 -32.78 6.40 -9.29
C THR A 415 -31.29 6.13 -9.45
N TYR A 416 -30.59 7.05 -10.10
CA TYR A 416 -29.17 6.94 -10.39
C TYR A 416 -28.32 7.74 -9.42
N TRP A 417 -27.28 7.11 -8.91
CA TRP A 417 -26.39 7.77 -7.94
C TRP A 417 -24.94 7.62 -8.30
N LEU A 418 -24.29 8.77 -8.44
CA LEU A 418 -22.88 8.80 -8.76
C LEU A 418 -22.13 9.05 -7.46
N ILE A 419 -21.32 8.09 -7.05
CA ILE A 419 -20.52 8.20 -5.84
C ILE A 419 -19.07 8.49 -6.27
N GLU A 420 -18.54 9.65 -5.86
CA GLU A 420 -17.15 10.05 -6.18
C GLU A 420 -16.21 9.76 -5.01
N ASN A 421 -15.01 9.25 -5.31
CA ASN A 421 -14.02 8.88 -4.29
C ASN A 421 -12.84 9.85 -4.07
N ASP A 422 -13.12 11.00 -3.44
CA ASP A 422 -12.12 12.04 -3.12
C ASP A 422 -11.10 12.28 -4.24
N PRO A 423 -11.57 12.77 -5.41
CA PRO A 423 -10.65 13.02 -6.54
C PRO A 423 -9.61 14.12 -6.30
N GLU A 424 -10.00 15.15 -5.56
CA GLU A 424 -9.14 16.30 -5.26
C GLU A 424 -8.39 16.21 -3.92
N GLY A 425 -8.48 15.05 -3.25
CA GLY A 425 -7.81 14.86 -1.97
C GLY A 425 -6.38 14.37 -2.05
N PRO A 426 -5.61 14.38 -0.94
CA PRO A 426 -4.21 13.93 -0.92
C PRO A 426 -4.03 12.47 -1.32
N PHE A 427 -4.87 11.61 -0.76
CA PHE A 427 -4.87 10.19 -1.06
C PHE A 427 -6.32 9.67 -1.01
N SER A 428 -6.52 8.52 -1.65
CA SER A 428 -7.83 7.88 -1.71
C SER A 428 -7.69 6.37 -1.57
N LEU A 429 -8.59 5.80 -0.76
CA LEU A 429 -8.65 4.38 -0.46
C LEU A 429 -9.91 3.75 -1.06
N PRO A 430 -9.88 2.43 -1.39
CA PRO A 430 -11.04 1.75 -1.96
C PRO A 430 -12.16 1.59 -0.91
N HIS A 431 -13.42 1.73 -1.34
CA HIS A 431 -14.54 1.63 -0.40
C HIS A 431 -15.65 0.65 -0.80
N PRO A 432 -15.90 -0.40 0.02
CA PRO A 432 -16.95 -1.38 -0.27
C PRO A 432 -18.32 -0.76 0.07
N MET A 433 -18.93 -0.14 -0.93
CA MET A 433 -20.23 0.50 -0.74
C MET A 433 -21.38 -0.50 -0.65
N HIS A 434 -22.14 -0.35 0.43
CA HIS A 434 -23.27 -1.22 0.72
C HIS A 434 -24.55 -0.45 0.97
N LEU A 435 -25.65 -0.95 0.38
CA LEU A 435 -26.99 -0.36 0.51
C LEU A 435 -27.97 -1.27 1.24
N HIS A 436 -28.74 -0.65 2.14
CA HIS A 436 -29.76 -1.34 2.93
C HIS A 436 -31.08 -1.37 2.18
N GLY A 437 -31.84 -2.45 2.41
CA GLY A 437 -33.15 -2.61 1.80
C GLY A 437 -33.31 -2.81 0.32
N HIS A 438 -32.19 -2.82 -0.41
CA HIS A 438 -32.21 -2.99 -1.86
C HIS A 438 -31.02 -3.80 -2.37
N ASP A 439 -31.06 -4.04 -3.67
CA ASP A 439 -30.01 -4.69 -4.43
C ASP A 439 -29.88 -3.66 -5.56
N PHE A 440 -28.72 -3.01 -5.66
CA PHE A 440 -28.50 -2.01 -6.70
C PHE A 440 -27.93 -2.56 -7.99
N LEU A 441 -28.02 -1.76 -9.06
CA LEU A 441 -27.45 -2.13 -10.35
C LEU A 441 -26.14 -1.35 -10.48
N VAL A 442 -25.05 -2.07 -10.72
CA VAL A 442 -23.73 -1.46 -10.88
C VAL A 442 -23.57 -1.15 -12.36
N LEU A 443 -23.84 0.10 -12.71
CA LEU A 443 -23.79 0.56 -14.09
C LEU A 443 -22.38 0.76 -14.61
N GLY A 444 -21.50 1.21 -13.72
CA GLY A 444 -20.13 1.42 -14.10
C GLY A 444 -19.28 2.01 -13.00
N ARG A 445 -17.99 2.09 -13.29
CA ARG A 445 -16.99 2.64 -12.39
C ARG A 445 -15.86 3.20 -13.22
N SER A 446 -14.93 3.89 -12.57
CA SER A 446 -13.75 4.47 -13.22
C SER A 446 -12.85 3.34 -13.75
N PRO A 447 -12.03 3.60 -14.81
CA PRO A 447 -11.15 2.55 -15.37
C PRO A 447 -10.30 1.79 -14.36
N ASP A 448 -10.39 0.45 -14.41
CA ASP A 448 -9.65 -0.45 -13.53
C ASP A 448 -8.13 -0.25 -13.64
N VAL A 449 -7.56 0.29 -12.56
CA VAL A 449 -6.14 0.62 -12.44
C VAL A 449 -5.60 0.09 -11.09
N PRO A 450 -4.24 0.09 -10.87
CA PRO A 450 -3.73 -0.40 -9.57
C PRO A 450 -4.24 0.41 -8.38
N ALA A 451 -4.81 -0.30 -7.39
CA ALA A 451 -5.42 0.28 -6.20
C ALA A 451 -4.68 1.40 -5.46
N ALA A 452 -3.36 1.29 -5.34
CA ALA A 452 -2.59 2.32 -4.64
C ALA A 452 -1.71 3.12 -5.60
N SER A 453 -2.18 3.26 -6.84
CA SER A 453 -1.45 4.00 -7.86
C SER A 453 -1.62 5.50 -7.75
N GLN A 454 -2.71 5.90 -7.10
CA GLN A 454 -3.12 7.29 -6.89
C GLN A 454 -3.54 8.02 -8.18
N GLN A 455 -4.09 7.24 -9.11
CA GLN A 455 -4.60 7.74 -10.39
C GLN A 455 -6.01 8.20 -10.09
N ARG A 456 -6.35 9.38 -10.59
CA ARG A 456 -7.65 9.98 -10.37
C ARG A 456 -8.49 10.08 -11.62
N PHE A 457 -9.79 9.88 -11.44
CA PHE A 457 -10.78 9.97 -12.51
C PHE A 457 -12.05 10.67 -12.00
N VAL A 458 -12.50 11.66 -12.77
CA VAL A 458 -13.73 12.41 -12.48
C VAL A 458 -14.61 12.04 -13.68
N PHE A 459 -15.92 11.94 -13.45
CA PHE A 459 -16.87 11.58 -14.51
C PHE A 459 -16.87 12.61 -15.65
N ASP A 460 -16.45 12.14 -16.82
CA ASP A 460 -16.37 12.93 -18.04
C ASP A 460 -17.38 12.27 -18.98
N PRO A 461 -18.52 12.94 -19.26
CA PRO A 461 -19.58 12.41 -20.13
C PRO A 461 -19.13 11.96 -21.54
N ALA A 462 -18.09 12.63 -22.05
CA ALA A 462 -17.52 12.37 -23.38
C ALA A 462 -16.86 11.00 -23.58
N VAL A 463 -16.34 10.41 -22.51
CA VAL A 463 -15.71 9.11 -22.58
C VAL A 463 -16.36 8.05 -21.68
N ASP A 464 -17.09 8.51 -20.66
CA ASP A 464 -17.73 7.61 -19.68
C ASP A 464 -19.15 7.09 -19.91
N LEU A 465 -19.99 7.87 -20.60
CA LEU A 465 -21.38 7.47 -20.88
C LEU A 465 -21.48 6.21 -21.73
N ALA A 466 -20.42 5.95 -22.49
CA ALA A 466 -20.31 4.79 -23.36
C ALA A 466 -19.84 3.56 -22.58
N ARG A 467 -19.08 3.82 -21.51
CA ARG A 467 -18.53 2.78 -20.63
C ARG A 467 -19.53 2.14 -19.68
N LEU A 468 -20.71 2.75 -19.57
CA LEU A 468 -21.78 2.25 -18.69
C LEU A 468 -22.58 1.13 -19.35
N ASN A 469 -23.21 0.31 -18.51
CA ASN A 469 -24.03 -0.80 -18.99
C ASN A 469 -25.37 -0.82 -18.27
N GLY A 470 -26.44 -0.87 -19.05
CA GLY A 470 -27.78 -0.92 -18.53
C GLY A 470 -28.54 -2.16 -18.97
N ASP A 471 -27.83 -3.10 -19.58
CA ASP A 471 -28.40 -4.35 -20.07
C ASP A 471 -27.87 -5.48 -19.18
N ASN A 472 -28.73 -5.86 -18.22
CA ASN A 472 -28.49 -6.88 -17.20
C ASN A 472 -27.17 -6.68 -16.44
N PRO A 473 -26.99 -5.51 -15.80
CA PRO A 473 -25.75 -5.25 -15.06
C PRO A 473 -25.73 -6.01 -13.71
N PRO A 474 -24.55 -6.14 -13.07
CA PRO A 474 -24.46 -6.82 -11.78
C PRO A 474 -25.43 -6.23 -10.76
N ARG A 475 -26.25 -7.08 -10.17
CA ARG A 475 -27.21 -6.66 -9.19
C ARG A 475 -26.79 -7.28 -7.86
N ARG A 476 -26.51 -6.43 -6.89
CA ARG A 476 -26.08 -6.87 -5.56
C ARG A 476 -26.22 -5.75 -4.53
N ASP A 477 -25.97 -6.07 -3.27
CA ASP A 477 -26.08 -5.10 -2.19
C ASP A 477 -24.76 -4.48 -1.78
N THR A 478 -23.66 -5.02 -2.31
CA THR A 478 -22.30 -4.55 -2.01
C THR A 478 -21.38 -4.60 -3.21
N THR A 479 -20.65 -3.50 -3.44
CA THR A 479 -19.68 -3.38 -4.53
C THR A 479 -18.60 -2.35 -4.17
N MET A 480 -17.51 -2.36 -4.93
CA MET A 480 -16.39 -1.47 -4.68
C MET A 480 -16.40 -0.10 -5.33
N LEU A 481 -16.13 0.92 -4.52
CA LEU A 481 -15.99 2.28 -5.01
C LEU A 481 -14.47 2.33 -5.13
N PRO A 482 -13.96 2.36 -6.37
CA PRO A 482 -12.50 2.39 -6.57
C PRO A 482 -11.78 3.62 -6.05
N ALA A 483 -10.55 3.39 -5.57
CA ALA A 483 -9.70 4.46 -5.05
C ALA A 483 -9.46 5.53 -6.12
N GLY A 484 -9.76 6.78 -5.75
CA GLY A 484 -9.57 7.93 -6.62
C GLY A 484 -10.57 8.13 -7.74
N GLY A 485 -11.54 7.24 -7.84
CA GLY A 485 -12.50 7.32 -8.92
C GLY A 485 -13.95 7.61 -8.62
N TRP A 486 -14.81 6.90 -9.35
CA TRP A 486 -16.25 7.04 -9.22
C TRP A 486 -17.01 5.71 -9.36
N LEU A 487 -18.28 5.73 -8.98
CA LEU A 487 -19.16 4.56 -9.05
C LEU A 487 -20.58 5.00 -9.36
N LEU A 488 -21.16 4.43 -10.42
CA LEU A 488 -22.54 4.75 -10.82
C LEU A 488 -23.48 3.59 -10.48
N LEU A 489 -24.36 3.85 -9.51
CA LEU A 489 -25.32 2.86 -9.04
C LEU A 489 -26.75 3.23 -9.39
N ALA A 490 -27.66 2.25 -9.29
CA ALA A 490 -29.07 2.47 -9.59
C ALA A 490 -29.98 1.52 -8.85
N PHE A 491 -31.02 2.05 -8.23
CA PHE A 491 -31.99 1.24 -7.51
C PHE A 491 -33.43 1.72 -7.72
N ARG A 492 -34.35 0.77 -7.88
CA ARG A 492 -35.75 1.09 -8.07
C ARG A 492 -36.35 1.38 -6.70
N THR A 493 -36.99 2.53 -6.55
CA THR A 493 -37.60 2.93 -5.29
C THR A 493 -38.88 2.16 -4.95
N ASP A 494 -38.74 0.86 -4.67
CA ASP A 494 -39.88 0.00 -4.38
C ASP A 494 -40.11 -0.38 -2.92
N ASN A 495 -39.31 0.20 -2.02
CA ASN A 495 -39.41 -0.11 -0.60
C ASN A 495 -39.29 1.15 0.28
N PRO A 496 -40.43 1.81 0.60
CA PRO A 496 -40.45 3.03 1.42
C PRO A 496 -39.77 2.86 2.78
N GLY A 497 -38.80 3.73 3.06
CA GLY A 497 -38.10 3.64 4.32
C GLY A 497 -36.81 4.39 4.42
N ALA A 498 -36.23 4.39 5.63
CA ALA A 498 -34.95 5.05 5.85
C ALA A 498 -33.91 3.98 5.69
N TRP A 499 -33.07 4.12 4.67
CA TRP A 499 -32.03 3.13 4.38
C TRP A 499 -30.64 3.68 4.35
N LEU A 500 -29.74 3.02 5.09
CA LEU A 500 -28.34 3.43 5.13
C LEU A 500 -27.58 2.98 3.90
N PHE A 501 -26.75 3.88 3.41
CA PHE A 501 -25.90 3.62 2.27
C PHE A 501 -24.55 4.00 2.83
N HIS A 502 -23.73 3.00 3.08
CA HIS A 502 -22.44 3.25 3.68
C HIS A 502 -21.33 2.32 3.25
N CYS A 503 -20.12 2.72 3.67
CA CYS A 503 -18.93 1.93 3.42
C CYS A 503 -19.01 0.88 4.52
N HIS A 504 -18.73 -0.37 4.15
CA HIS A 504 -18.79 -1.45 5.11
C HIS A 504 -17.52 -1.72 5.94
N ILE A 505 -16.46 -0.94 5.70
CA ILE A 505 -15.24 -1.04 6.52
C ILE A 505 -15.75 -0.37 7.82
N ALA A 506 -15.76 -1.15 8.91
CA ALA A 506 -16.25 -0.72 10.22
C ALA A 506 -15.71 0.61 10.69
N TRP A 507 -14.41 0.79 10.49
CA TRP A 507 -13.71 2.01 10.90
C TRP A 507 -14.13 3.24 10.10
N HIS A 508 -14.45 3.03 8.83
CA HIS A 508 -14.88 4.12 7.94
C HIS A 508 -16.31 4.60 8.17
N VAL A 509 -17.24 3.69 8.44
CA VAL A 509 -18.63 4.05 8.73
C VAL A 509 -18.67 4.73 10.11
N SER A 510 -17.72 4.36 10.97
CA SER A 510 -17.57 4.95 12.30
C SER A 510 -17.00 6.37 12.17
N GLY A 511 -16.21 6.57 11.11
CA GLY A 511 -15.59 7.86 10.83
C GLY A 511 -16.62 8.81 10.23
N GLY A 512 -17.67 8.24 9.65
CA GLY A 512 -18.75 9.02 9.08
C GLY A 512 -19.17 8.73 7.66
N LEU A 513 -18.56 7.73 7.02
CA LEU A 513 -18.88 7.38 5.64
C LEU A 513 -20.22 6.69 5.48
N SER A 514 -21.27 7.51 5.41
CA SER A 514 -22.64 7.06 5.24
C SER A 514 -23.60 8.19 4.91
N VAL A 515 -24.68 7.81 4.23
CA VAL A 515 -25.80 8.71 3.94
C VAL A 515 -27.02 7.89 4.33
N ASP A 516 -28.17 8.53 4.35
CA ASP A 516 -29.41 7.86 4.70
C ASP A 516 -30.45 8.19 3.66
N PHE A 517 -30.79 7.19 2.86
CA PHE A 517 -31.80 7.31 1.81
C PHE A 517 -33.18 7.21 2.43
N LEU A 518 -33.80 8.36 2.66
CA LEU A 518 -35.16 8.41 3.18
C LEU A 518 -36.08 8.35 1.97
N GLU A 519 -36.39 7.10 1.61
CA GLU A 519 -37.20 6.75 0.48
C GLU A 519 -38.69 6.80 0.79
N ARG A 520 -39.40 7.58 -0.03
CA ARG A 520 -40.84 7.77 0.03
C ARG A 520 -41.45 7.97 1.44
N PRO A 521 -41.13 9.11 2.11
CA PRO A 521 -41.60 9.46 3.46
C PRO A 521 -43.10 9.40 3.70
N ALA A 522 -43.87 9.97 2.77
CA ALA A 522 -45.33 9.99 2.84
C ALA A 522 -45.94 8.58 2.85
N ASP A 523 -45.35 7.69 2.04
CA ASP A 523 -45.81 6.30 1.93
C ASP A 523 -45.40 5.45 3.12
N LEU A 524 -44.28 5.82 3.75
CA LEU A 524 -43.71 5.12 4.90
C LEU A 524 -44.51 5.13 6.19
N ARG A 525 -45.00 6.31 6.60
CA ARG A 525 -45.79 6.45 7.84
C ARG A 525 -47.05 5.59 7.87
N GLN A 526 -47.71 5.50 6.71
CA GLN A 526 -48.94 4.72 6.55
C GLN A 526 -48.74 3.20 6.43
N ARG A 527 -47.49 2.78 6.18
CA ARG A 527 -47.16 1.36 6.03
C ARG A 527 -46.62 0.68 7.29
N ILE A 528 -46.42 1.46 8.34
CA ILE A 528 -45.90 0.97 9.62
C ILE A 528 -47.07 0.44 10.48
N SER A 529 -47.03 -0.85 10.77
CA SER A 529 -48.05 -1.52 11.58
C SER A 529 -48.05 -1.04 13.03
N GLN A 530 -49.20 -1.16 13.71
CA GLN A 530 -49.37 -0.74 15.10
C GLN A 530 -48.42 -1.50 16.05
N GLU A 531 -48.10 -2.74 15.69
CA GLU A 531 -47.19 -3.61 16.45
C GLU A 531 -45.74 -3.14 16.37
N ASP A 532 -45.34 -2.72 15.17
CA ASP A 532 -43.97 -2.24 14.91
C ASP A 532 -43.75 -0.86 15.49
N GLU A 533 -44.81 -0.05 15.52
CA GLU A 533 -44.77 1.30 16.08
C GLU A 533 -44.63 1.24 17.60
N ASP A 534 -45.36 0.32 18.22
CA ASP A 534 -45.33 0.13 19.68
C ASP A 534 -44.00 -0.45 20.15
N ASP A 535 -43.48 -1.42 19.40
CA ASP A 535 -42.20 -2.06 19.71
C ASP A 535 -41.09 -1.02 19.63
N PHE A 536 -41.13 -0.20 18.59
CA PHE A 536 -40.17 0.87 18.34
C PHE A 536 -40.14 1.84 19.53
N ASN A 537 -41.32 2.31 19.95
CA ASN A 537 -41.47 3.25 21.06
C ASN A 537 -41.12 2.63 22.39
N ARG A 538 -41.44 1.34 22.55
CA ARG A 538 -41.13 0.59 23.78
C ARG A 538 -39.60 0.48 23.97
N VAL A 539 -38.91 0.08 22.90
CA VAL A 539 -37.44 -0.07 22.90
C VAL A 539 -36.77 1.30 23.02
N CYS A 540 -37.41 2.34 22.50
CA CYS A 540 -36.87 3.69 22.59
C CYS A 540 -37.00 4.27 24.00
N ASP A 541 -38.08 3.90 24.71
CA ASP A 541 -38.32 4.37 26.08
C ASP A 541 -37.36 3.69 27.07
N GLU A 542 -37.10 2.40 26.83
CA GLU A 542 -36.21 1.59 27.66
C GLU A 542 -34.74 1.98 27.47
N TRP A 543 -34.39 2.41 26.25
CA TRP A 543 -33.05 2.83 25.90
C TRP A 543 -32.76 4.23 26.44
N ARG A 544 -33.73 5.15 26.29
CA ARG A 544 -33.58 6.52 26.77
C ARG A 544 -33.50 6.57 28.29
N ALA A 545 -34.12 5.60 28.97
CA ALA A 545 -34.09 5.49 30.43
C ALA A 545 -32.73 4.92 30.89
N TYR A 546 -32.19 3.99 30.11
CA TYR A 546 -30.89 3.37 30.40
C TYR A 546 -29.70 4.31 30.16
N TRP A 547 -29.69 5.01 29.01
CA TRP A 547 -28.59 5.89 28.62
C TRP A 547 -27.89 6.83 29.64
N PRO A 548 -28.64 7.54 30.53
CA PRO A 548 -27.93 8.40 31.50
C PRO A 548 -27.05 7.66 32.52
N THR A 549 -27.29 6.35 32.64
CA THR A 549 -26.56 5.46 33.57
C THR A 549 -25.33 4.80 32.94
N ASN A 550 -25.22 4.90 31.61
CA ASN A 550 -24.10 4.33 30.84
C ASN A 550 -22.83 5.11 31.21
N PRO A 551 -21.75 4.39 31.66
CA PRO A 551 -20.49 5.03 32.03
C PRO A 551 -19.56 5.45 30.89
N TYR A 552 -19.97 5.12 29.66
CA TYR A 552 -19.17 5.42 28.47
C TYR A 552 -19.92 6.34 27.49
N PRO A 553 -19.19 7.25 26.79
CA PRO A 553 -19.84 8.15 25.83
C PRO A 553 -19.86 7.54 24.41
N LYS A 554 -20.43 8.28 23.46
CA LYS A 554 -20.49 7.85 22.06
C LYS A 554 -19.34 8.60 21.37
N ILE A 555 -18.28 7.87 21.04
CA ILE A 555 -17.09 8.46 20.40
C ILE A 555 -17.11 8.49 18.86
N ASP A 556 -18.02 7.73 18.26
CA ASP A 556 -18.12 7.68 16.81
C ASP A 556 -19.49 8.05 16.25
N SER A 557 -19.74 7.70 14.99
CA SER A 557 -20.99 7.97 14.27
C SER A 557 -22.23 7.32 14.87
N GLY A 558 -22.06 6.08 15.30
CA GLY A 558 -23.15 5.32 15.86
C GLY A 558 -23.62 4.26 14.88
N ALA A 559 -23.12 4.35 13.66
CA ALA A 559 -23.43 3.42 12.58
C ALA A 559 -22.21 2.53 12.31
N PRO B 2 46.47 -1.82 -12.49
CA PRO B 2 45.85 -2.89 -13.30
C PRO B 2 46.90 -3.87 -13.86
N THR B 3 47.80 -4.31 -12.98
CA THR B 3 48.88 -5.23 -13.36
C THR B 3 48.55 -6.72 -13.16
N CYS B 4 48.32 -7.13 -11.92
CA CYS B 4 48.02 -8.53 -11.55
C CYS B 4 46.53 -8.92 -11.49
N ASN B 5 45.68 -8.10 -12.10
CA ASN B 5 44.23 -8.35 -12.14
C ASN B 5 43.88 -9.15 -13.40
N THR B 6 43.66 -10.44 -13.18
CA THR B 6 43.32 -11.42 -14.24
C THR B 6 41.96 -12.05 -13.90
N PRO B 7 41.25 -12.68 -14.87
CA PRO B 7 39.96 -13.31 -14.56
C PRO B 7 40.00 -14.34 -13.44
N SER B 8 41.14 -15.04 -13.33
CA SER B 8 41.37 -16.04 -12.30
C SER B 8 41.77 -15.45 -10.95
N ASN B 9 42.37 -14.26 -10.99
CA ASN B 9 42.80 -13.57 -9.77
C ASN B 9 42.34 -12.11 -9.79
N ARG B 10 41.11 -11.90 -9.35
CA ARG B 10 40.51 -10.57 -9.30
C ARG B 10 40.79 -9.91 -7.95
N ALA B 11 41.34 -10.70 -7.03
CA ALA B 11 41.70 -10.24 -5.69
C ALA B 11 42.91 -9.30 -5.68
N CYS B 12 43.80 -9.46 -6.67
CA CYS B 12 45.02 -8.66 -6.84
C CYS B 12 44.79 -7.43 -7.72
N TRP B 13 45.60 -6.38 -7.51
CA TRP B 13 45.50 -5.15 -8.30
C TRP B 13 46.88 -4.61 -8.72
N SER B 14 47.72 -4.31 -7.72
CA SER B 14 49.09 -3.82 -7.92
C SER B 14 49.88 -4.04 -6.62
N ASP B 15 51.15 -3.61 -6.58
CA ASP B 15 51.99 -3.76 -5.39
C ASP B 15 51.49 -2.94 -4.19
N GLY B 16 51.09 -3.67 -3.15
CA GLY B 16 50.57 -3.06 -1.93
C GLY B 16 49.07 -2.85 -1.95
N PHE B 17 48.45 -3.13 -3.09
CA PHE B 17 47.03 -2.92 -3.26
C PHE B 17 46.26 -4.13 -3.79
N ASP B 18 45.44 -4.71 -2.90
CA ASP B 18 44.58 -5.85 -3.20
C ASP B 18 43.20 -5.62 -2.57
N ILE B 19 42.35 -6.63 -2.57
CA ILE B 19 40.99 -6.54 -2.04
C ILE B 19 40.91 -6.39 -0.50
N ASN B 20 41.99 -6.76 0.17
CA ASN B 20 42.06 -6.70 1.63
C ASN B 20 42.68 -5.42 2.19
N THR B 21 43.16 -4.56 1.28
CA THR B 21 43.76 -3.28 1.64
C THR B 21 42.65 -2.33 2.12
N ASP B 22 42.92 -1.63 3.21
CA ASP B 22 41.97 -0.67 3.77
C ASP B 22 42.00 0.58 2.87
N TYR B 23 41.01 0.63 1.97
CA TYR B 23 40.87 1.71 0.98
C TYR B 23 40.54 3.10 1.54
N GLU B 24 40.02 3.14 2.76
CA GLU B 24 39.66 4.40 3.43
C GLU B 24 40.89 5.15 3.94
N VAL B 25 42.03 4.47 4.00
CA VAL B 25 43.29 5.06 4.47
C VAL B 25 44.48 4.96 3.51
N SER B 26 44.40 4.04 2.53
CA SER B 26 45.48 3.84 1.55
C SER B 26 44.92 3.92 0.12
N THR B 27 45.59 4.70 -0.73
CA THR B 27 45.14 4.94 -2.10
C THR B 27 46.33 4.92 -3.10
N PRO B 28 46.19 4.21 -4.26
CA PRO B 28 47.24 4.11 -5.29
C PRO B 28 47.63 5.45 -5.92
N ASP B 29 48.93 5.71 -5.95
CA ASP B 29 49.46 6.93 -6.54
C ASP B 29 49.67 6.65 -8.04
N THR B 30 48.63 6.90 -8.84
CA THR B 30 48.69 6.68 -10.29
C THR B 30 49.13 7.94 -11.01
N GLY B 31 48.61 9.09 -10.56
CA GLY B 31 48.94 10.37 -11.17
C GLY B 31 48.24 10.58 -12.51
N VAL B 32 47.12 9.88 -12.70
CA VAL B 32 46.32 9.96 -13.93
C VAL B 32 45.04 10.72 -13.62
N THR B 33 44.63 11.56 -14.56
CA THR B 33 43.42 12.35 -14.45
C THR B 33 42.50 12.03 -15.63
N GLN B 34 41.25 11.69 -15.31
CA GLN B 34 40.23 11.39 -16.30
C GLN B 34 39.27 12.56 -16.33
N SER B 35 39.37 13.33 -17.41
CA SER B 35 38.58 14.54 -17.63
C SER B 35 37.33 14.36 -18.48
N TYR B 36 36.27 15.05 -18.07
CA TYR B 36 34.97 15.04 -18.72
C TYR B 36 34.38 16.45 -18.70
N VAL B 37 33.49 16.73 -19.64
CA VAL B 37 32.79 18.02 -19.71
C VAL B 37 31.31 17.73 -19.80
N PHE B 38 30.56 18.39 -18.91
CA PHE B 38 29.11 18.25 -18.84
C PHE B 38 28.48 19.52 -19.36
N ASN B 39 27.57 19.36 -20.29
CA ASN B 39 26.86 20.47 -20.88
C ASN B 39 25.39 20.23 -20.62
N LEU B 40 24.87 20.93 -19.61
CA LEU B 40 23.49 20.82 -19.21
C LEU B 40 22.65 21.71 -20.08
N THR B 41 21.81 21.10 -20.90
CA THR B 41 20.92 21.83 -21.78
C THR B 41 19.48 21.45 -21.50
N GLU B 42 18.58 22.43 -21.63
CA GLU B 42 17.15 22.27 -21.43
C GLU B 42 16.51 21.99 -22.78
N VAL B 43 15.92 20.80 -22.91
CA VAL B 43 15.28 20.38 -24.15
C VAL B 43 13.78 20.20 -23.93
N ASP B 44 12.99 20.93 -24.72
CA ASP B 44 11.54 20.86 -24.66
C ASP B 44 11.03 19.90 -25.73
N ASN B 45 9.93 19.21 -25.42
CA ASN B 45 9.28 18.23 -26.32
C ASN B 45 10.24 17.20 -26.93
N TRP B 46 10.97 16.57 -26.01
CA TRP B 46 11.97 15.55 -26.29
C TRP B 46 11.32 14.18 -26.43
N MET B 47 11.80 13.40 -27.41
CA MET B 47 11.27 12.06 -27.65
C MET B 47 11.93 11.08 -26.68
N GLY B 48 11.10 10.49 -25.83
CA GLY B 48 11.56 9.51 -24.86
C GLY B 48 11.87 8.14 -25.42
N PRO B 49 12.52 7.26 -24.63
CA PRO B 49 12.89 5.90 -25.06
C PRO B 49 11.70 4.98 -25.36
N ASP B 50 10.55 5.25 -24.72
CA ASP B 50 9.32 4.46 -24.87
C ASP B 50 8.30 4.99 -25.90
N GLY B 51 8.74 5.93 -26.74
CA GLY B 51 7.88 6.51 -27.75
C GLY B 51 7.00 7.66 -27.30
N VAL B 52 7.06 7.99 -26.01
CA VAL B 52 6.27 9.08 -25.45
C VAL B 52 7.09 10.36 -25.37
N VAL B 53 6.47 11.45 -25.81
CA VAL B 53 7.09 12.76 -25.82
C VAL B 53 6.87 13.47 -24.49
N LYS B 54 7.99 13.86 -23.87
CA LYS B 54 7.99 14.56 -22.58
C LYS B 54 8.07 16.07 -22.79
N GLU B 55 7.30 16.80 -21.97
CA GLU B 55 7.23 18.27 -22.02
C GLU B 55 8.60 18.95 -21.92
N LYS B 56 9.36 18.62 -20.88
CA LYS B 56 10.67 19.21 -20.63
C LYS B 56 11.63 18.26 -19.92
N VAL B 57 12.89 18.28 -20.35
CA VAL B 57 13.94 17.47 -19.74
C VAL B 57 15.19 18.33 -19.63
N MET B 58 16.07 17.96 -18.71
CA MET B 58 17.35 18.64 -18.51
C MET B 58 18.36 17.55 -18.76
N LEU B 59 19.21 17.75 -19.78
CA LEU B 59 20.18 16.73 -20.18
C LEU B 59 21.64 17.15 -20.22
N ILE B 60 22.50 16.16 -19.95
CA ILE B 60 23.96 16.31 -19.96
C ILE B 60 24.43 15.77 -21.33
N ASN B 61 25.07 16.64 -22.11
CA ASN B 61 25.60 16.31 -23.44
C ASN B 61 24.53 15.74 -24.42
N GLY B 62 23.30 16.25 -24.28
CA GLY B 62 22.16 15.87 -25.11
C GLY B 62 21.64 14.45 -25.03
N ASN B 63 22.07 13.68 -24.03
CA ASN B 63 21.62 12.31 -23.86
C ASN B 63 20.72 12.11 -22.64
N ILE B 64 20.06 10.96 -22.57
CA ILE B 64 19.13 10.58 -21.48
C ILE B 64 19.86 10.59 -20.12
N MET B 65 21.13 10.20 -20.17
CA MET B 65 22.03 10.15 -19.02
C MET B 65 23.35 10.75 -19.48
N GLY B 66 24.17 11.16 -18.51
CA GLY B 66 25.46 11.73 -18.82
C GLY B 66 26.51 10.68 -19.16
N PRO B 67 27.80 11.08 -19.33
CA PRO B 67 28.89 10.15 -19.66
C PRO B 67 29.13 9.12 -18.56
N ASN B 68 29.52 7.92 -18.97
CA ASN B 68 29.85 6.85 -18.03
C ASN B 68 31.29 7.11 -17.62
N ILE B 69 31.45 7.67 -16.41
CA ILE B 69 32.76 7.98 -15.84
C ILE B 69 33.49 6.70 -15.50
N VAL B 70 34.61 6.50 -16.19
CA VAL B 70 35.47 5.34 -16.00
C VAL B 70 36.89 5.80 -15.63
N ALA B 71 37.36 5.33 -14.49
CA ALA B 71 38.70 5.63 -13.97
C ALA B 71 39.15 4.42 -13.16
N ASN B 72 40.41 4.43 -12.71
CA ASN B 72 40.95 3.33 -11.91
C ASN B 72 41.10 3.82 -10.48
N TRP B 73 41.29 2.86 -9.57
CA TRP B 73 41.50 3.14 -8.15
C TRP B 73 42.78 3.95 -7.96
N GLY B 74 42.62 5.17 -7.46
CA GLY B 74 43.75 6.05 -7.25
C GLY B 74 43.87 7.18 -8.27
N ASP B 75 43.04 7.14 -9.31
CA ASP B 75 42.99 8.18 -10.34
C ASP B 75 42.27 9.40 -9.79
N THR B 76 42.34 10.51 -10.54
CA THR B 76 41.65 11.74 -10.16
C THR B 76 40.61 12.02 -11.24
N VAL B 77 39.35 12.24 -10.84
CA VAL B 77 38.31 12.54 -11.80
C VAL B 77 37.98 14.04 -11.76
N GLU B 78 38.17 14.67 -12.92
CA GLU B 78 37.94 16.08 -13.11
C GLU B 78 36.80 16.26 -14.09
N VAL B 79 35.82 17.09 -13.72
CA VAL B 79 34.66 17.37 -14.56
C VAL B 79 34.28 18.85 -14.54
N THR B 80 34.15 19.43 -15.74
CA THR B 80 33.75 20.82 -15.92
C THR B 80 32.25 20.79 -16.23
N VAL B 81 31.47 21.41 -15.35
CA VAL B 81 30.01 21.45 -15.51
C VAL B 81 29.56 22.83 -15.96
N ILE B 82 29.18 22.91 -17.23
CA ILE B 82 28.70 24.14 -17.82
C ILE B 82 27.17 24.11 -17.85
N ASN B 83 26.59 25.09 -17.14
CA ASN B 83 25.16 25.21 -17.03
C ASN B 83 24.54 26.12 -18.09
N ASN B 84 23.93 25.47 -19.09
CA ASN B 84 23.26 26.18 -20.17
C ASN B 84 21.74 26.06 -20.10
N LEU B 85 21.23 25.77 -18.89
CA LEU B 85 19.78 25.68 -18.65
C LEU B 85 19.23 27.10 -18.66
N VAL B 86 17.91 27.24 -18.83
CA VAL B 86 17.28 28.56 -18.89
C VAL B 86 17.25 29.30 -17.56
N THR B 87 16.58 28.71 -16.56
CA THR B 87 16.43 29.34 -15.25
C THR B 87 17.14 28.68 -14.07
N ASN B 88 17.06 27.34 -14.01
CA ASN B 88 17.65 26.53 -12.95
C ASN B 88 19.14 26.66 -12.68
N GLY B 89 19.49 26.56 -11.41
CA GLY B 89 20.89 26.53 -11.01
C GLY B 89 21.22 25.05 -11.01
N THR B 90 22.45 24.69 -10.68
CA THR B 90 22.83 23.28 -10.66
C THR B 90 24.09 22.99 -9.85
N SER B 91 24.38 21.70 -9.76
CA SER B 91 25.54 21.16 -9.07
C SER B 91 25.51 19.68 -9.39
N ILE B 92 26.64 19.02 -9.25
CA ILE B 92 26.66 17.58 -9.48
C ILE B 92 27.19 16.95 -8.22
N HIS B 93 26.36 16.13 -7.60
CA HIS B 93 26.72 15.40 -6.39
C HIS B 93 27.23 14.01 -6.82
N TRP B 94 28.38 13.63 -6.26
CA TRP B 94 29.04 12.36 -6.57
C TRP B 94 28.78 11.36 -5.44
N HIS B 95 27.59 10.73 -5.51
CA HIS B 95 27.07 9.73 -4.57
C HIS B 95 28.01 8.52 -4.55
N GLY B 96 28.50 8.18 -3.36
CA GLY B 96 29.40 7.06 -3.20
C GLY B 96 30.86 7.46 -3.16
N ILE B 97 31.11 8.74 -3.43
CA ILE B 97 32.46 9.26 -3.39
C ILE B 97 32.54 10.03 -2.08
N HIS B 98 33.38 9.49 -1.20
CA HIS B 98 33.62 10.01 0.13
C HIS B 98 34.00 11.47 0.22
N GLN B 99 34.74 11.94 -0.78
CA GLN B 99 35.24 13.32 -0.85
C GLN B 99 36.13 13.63 0.36
N LYS B 100 37.12 12.77 0.59
CA LYS B 100 38.09 12.89 1.71
C LYS B 100 38.89 14.19 1.62
N ASP B 101 38.61 15.07 2.59
CA ASP B 101 39.20 16.41 2.74
C ASP B 101 38.96 17.35 1.56
N THR B 102 37.96 17.01 0.74
CA THR B 102 37.54 17.77 -0.43
C THR B 102 36.02 18.03 -0.35
N ASN B 103 35.57 18.42 0.85
CA ASN B 103 34.16 18.73 1.15
C ASN B 103 33.46 19.68 0.17
N LEU B 104 34.19 20.67 -0.33
CA LEU B 104 33.67 21.67 -1.26
C LEU B 104 33.40 21.17 -2.68
N HIS B 105 33.68 19.89 -2.92
CA HIS B 105 33.46 19.25 -4.22
C HIS B 105 32.28 18.27 -4.16
N ASP B 106 31.56 18.25 -3.03
CA ASP B 106 30.42 17.36 -2.80
C ASP B 106 29.17 17.65 -3.66
N GLY B 107 28.95 18.91 -4.02
CA GLY B 107 27.82 19.27 -4.86
C GLY B 107 26.49 19.50 -4.17
N ALA B 108 26.50 19.57 -2.84
CA ALA B 108 25.27 19.80 -2.10
C ALA B 108 24.99 21.31 -2.01
N ASN B 109 23.98 21.74 -2.76
CA ASN B 109 23.55 23.13 -2.82
C ASN B 109 23.05 23.67 -1.50
N GLY B 110 23.60 24.84 -1.13
CA GLY B 110 23.25 25.49 0.12
C GLY B 110 23.98 24.89 1.31
N VAL B 111 24.95 24.03 1.01
CA VAL B 111 25.74 23.33 2.01
C VAL B 111 27.23 23.49 1.70
N THR B 112 27.66 22.89 0.59
CA THR B 112 29.08 22.91 0.18
C THR B 112 29.39 23.90 -0.93
N GLU B 113 28.33 24.38 -1.58
CA GLU B 113 28.44 25.34 -2.68
C GLU B 113 27.10 26.01 -2.96
N CYS B 114 27.18 27.09 -3.74
CA CYS B 114 25.99 27.81 -4.19
C CYS B 114 25.74 27.15 -5.55
N PRO B 115 24.49 27.19 -6.05
CA PRO B 115 24.22 26.59 -7.36
C PRO B 115 24.94 27.31 -8.48
N ILE B 116 25.44 26.54 -9.44
CA ILE B 116 26.12 27.09 -10.60
C ILE B 116 25.03 27.82 -11.40
N PRO B 117 25.21 29.15 -11.65
CA PRO B 117 24.19 29.89 -12.41
C PRO B 117 23.97 29.42 -13.85
N PRO B 118 22.75 29.60 -14.40
CA PRO B 118 22.47 29.19 -15.77
C PRO B 118 23.08 30.14 -16.82
N LYS B 119 22.61 30.04 -18.06
CA LYS B 119 23.05 30.86 -19.19
C LYS B 119 24.59 30.87 -19.35
N GLY B 120 25.21 29.70 -19.19
CA GLY B 120 26.66 29.58 -19.33
C GLY B 120 27.55 29.54 -18.10
N GLY B 121 26.98 29.42 -16.89
CA GLY B 121 27.78 29.38 -15.67
C GLY B 121 28.58 28.08 -15.59
N GLN B 122 29.78 28.15 -14.99
CA GLN B 122 30.62 26.96 -14.88
C GLN B 122 31.40 26.79 -13.59
N ARG B 123 31.81 25.55 -13.35
CA ARG B 123 32.60 25.15 -12.19
C ARG B 123 33.24 23.81 -12.51
N THR B 124 34.48 23.64 -12.08
CA THR B 124 35.21 22.41 -12.33
C THR B 124 35.43 21.63 -11.03
N TYR B 125 34.88 20.43 -10.99
CA TYR B 125 34.99 19.51 -9.84
C TYR B 125 36.20 18.63 -10.07
N ARG B 126 36.95 18.39 -9.00
CA ARG B 126 38.13 17.54 -9.04
C ARG B 126 38.16 16.77 -7.74
N TRP B 127 38.18 15.44 -7.84
CA TRP B 127 38.22 14.56 -6.68
C TRP B 127 39.06 13.31 -6.89
N ARG B 128 39.59 12.78 -5.80
CA ARG B 128 40.40 11.57 -5.86
C ARG B 128 39.48 10.35 -5.67
N ALA B 129 39.76 9.30 -6.46
CA ALA B 129 39.02 8.04 -6.42
C ALA B 129 39.67 7.10 -5.40
N ARG B 130 39.39 7.36 -4.12
CA ARG B 130 39.92 6.59 -2.99
C ARG B 130 39.10 5.33 -2.70
N GLN B 131 38.11 5.10 -3.54
CA GLN B 131 37.22 3.96 -3.39
C GLN B 131 36.96 3.39 -4.76
N TYR B 132 36.92 2.06 -4.84
CA TYR B 132 36.66 1.36 -6.08
C TYR B 132 35.30 0.64 -6.08
N GLY B 133 34.67 0.61 -7.24
CA GLY B 133 33.38 -0.03 -7.35
C GLY B 133 32.48 0.71 -8.29
N THR B 134 31.18 0.67 -8.00
CA THR B 134 30.18 1.34 -8.82
C THR B 134 29.46 2.37 -7.99
N SER B 135 29.30 3.55 -8.59
CA SER B 135 28.62 4.66 -7.97
C SER B 135 27.87 5.44 -9.03
N TRP B 136 27.26 6.55 -8.64
CA TRP B 136 26.50 7.39 -9.55
C TRP B 136 26.55 8.86 -9.18
N TYR B 137 26.27 9.69 -10.18
CA TYR B 137 26.23 11.13 -9.99
C TYR B 137 24.89 11.65 -10.43
N HIS B 138 24.52 12.80 -9.87
CA HIS B 138 23.26 13.44 -10.19
C HIS B 138 23.25 14.85 -9.65
N SER B 139 22.29 15.65 -10.12
CA SER B 139 22.13 17.02 -9.65
C SER B 139 21.61 17.05 -8.24
N HIS B 140 21.89 18.16 -7.55
CA HIS B 140 21.42 18.34 -6.18
C HIS B 140 20.66 19.67 -6.06
N PHE B 141 20.05 20.09 -7.16
CA PHE B 141 19.25 21.31 -7.21
C PHE B 141 17.79 20.84 -7.14
N SER B 142 17.31 20.68 -5.90
CA SER B 142 15.96 20.18 -5.58
C SER B 142 15.87 18.77 -6.18
N ALA B 143 14.89 18.51 -7.03
CA ALA B 143 14.72 17.21 -7.68
C ALA B 143 15.04 17.31 -9.18
N GLN B 144 15.97 18.20 -9.52
CA GLN B 144 16.39 18.44 -10.91
C GLN B 144 16.87 17.19 -11.65
N TYR B 145 17.41 16.22 -10.90
CA TYR B 145 17.89 14.98 -11.49
C TYR B 145 16.78 14.07 -12.01
N GLY B 146 15.53 14.46 -11.72
CA GLY B 146 14.36 13.72 -12.19
C GLY B 146 13.99 14.12 -13.60
N ASN B 147 14.64 15.16 -14.11
CA ASN B 147 14.42 15.66 -15.47
C ASN B 147 15.41 15.01 -16.42
N GLY B 148 16.52 14.51 -15.85
CA GLY B 148 17.54 13.83 -16.64
C GLY B 148 19.00 14.08 -16.29
N VAL B 149 19.29 14.96 -15.32
CA VAL B 149 20.67 15.26 -14.92
C VAL B 149 21.20 14.13 -14.02
N VAL B 150 21.51 12.99 -14.65
CA VAL B 150 21.98 11.81 -13.95
C VAL B 150 22.97 11.01 -14.79
N GLY B 151 23.80 10.21 -14.12
CA GLY B 151 24.78 9.37 -14.78
C GLY B 151 25.44 8.41 -13.83
N THR B 152 26.36 7.60 -14.36
CA THR B 152 27.08 6.58 -13.58
C THR B 152 28.60 6.80 -13.45
N ILE B 153 29.16 6.22 -12.37
CA ILE B 153 30.60 6.28 -12.06
C ILE B 153 31.11 4.84 -11.86
N GLN B 154 32.12 4.45 -12.64
CA GLN B 154 32.72 3.13 -12.51
C GLN B 154 34.23 3.27 -12.23
N ILE B 155 34.60 3.08 -10.98
CA ILE B 155 36.01 3.14 -10.59
C ILE B 155 36.48 1.70 -10.50
N ASN B 156 37.33 1.30 -11.46
CA ASN B 156 37.87 -0.06 -11.53
C ASN B 156 38.85 -0.35 -10.42
N GLY B 157 38.75 -1.57 -9.90
CA GLY B 157 39.60 -2.01 -8.82
C GLY B 157 39.48 -3.51 -8.64
N PRO B 158 40.02 -4.09 -7.55
CA PRO B 158 39.92 -5.54 -7.33
C PRO B 158 38.51 -6.00 -6.92
N ALA B 159 38.32 -7.32 -6.85
CA ALA B 159 37.03 -7.90 -6.48
C ALA B 159 37.15 -9.05 -5.50
N SER B 160 36.01 -9.43 -4.91
CA SER B 160 35.95 -10.51 -3.93
C SER B 160 35.59 -11.86 -4.54
N LEU B 161 35.52 -11.93 -5.87
CA LEU B 161 35.20 -13.16 -6.58
C LEU B 161 35.73 -13.10 -8.00
N PRO B 162 36.22 -14.25 -8.55
CA PRO B 162 36.73 -14.26 -9.93
C PRO B 162 35.61 -14.15 -10.98
N TYR B 163 35.86 -13.34 -12.01
CA TYR B 163 34.92 -13.13 -13.12
C TYR B 163 35.69 -12.89 -14.41
N ASP B 164 35.06 -13.21 -15.55
CA ASP B 164 35.71 -13.05 -16.85
C ASP B 164 35.39 -11.73 -17.55
N ILE B 165 34.09 -11.47 -17.72
CA ILE B 165 33.61 -10.26 -18.38
C ILE B 165 32.92 -9.32 -17.39
N ASP B 166 33.17 -8.03 -17.58
CA ASP B 166 32.58 -6.98 -16.78
C ASP B 166 31.62 -6.31 -17.77
N LEU B 167 30.31 -6.56 -17.60
CA LEU B 167 29.28 -5.98 -18.45
C LEU B 167 29.07 -4.47 -18.22
N GLY B 168 29.75 -3.95 -17.19
CA GLY B 168 29.68 -2.55 -16.87
C GLY B 168 28.43 -2.11 -16.12
N VAL B 169 28.08 -0.85 -16.30
CA VAL B 169 26.92 -0.26 -15.63
C VAL B 169 25.55 -0.69 -16.15
N PHE B 170 24.61 -0.85 -15.21
CA PHE B 170 23.24 -1.26 -15.51
C PHE B 170 22.24 -0.47 -14.65
N PRO B 171 22.06 0.85 -14.94
CA PRO B 171 21.12 1.67 -14.15
C PRO B 171 19.64 1.40 -14.37
N ILE B 172 18.92 1.18 -13.27
CA ILE B 172 17.49 0.95 -13.31
C ILE B 172 16.86 2.16 -12.62
N THR B 173 16.03 2.89 -13.36
CA THR B 173 15.38 4.10 -12.82
C THR B 173 13.89 4.22 -13.11
N ASP B 174 13.19 5.01 -12.29
CA ASP B 174 11.78 5.28 -12.54
C ASP B 174 11.71 6.37 -13.61
N TYR B 175 10.61 6.38 -14.35
CA TYR B 175 10.42 7.34 -15.44
C TYR B 175 9.03 7.92 -15.37
N TYR B 176 8.97 9.25 -15.33
CA TYR B 176 7.73 10.01 -15.27
C TYR B 176 7.63 10.95 -16.45
N TYR B 177 6.43 11.08 -17.02
CA TYR B 177 6.21 11.97 -18.15
C TYR B 177 6.18 13.43 -17.69
N ARG B 178 5.70 13.64 -16.46
CA ARG B 178 5.63 14.97 -15.86
C ARG B 178 7.02 15.34 -15.32
N ALA B 179 7.39 16.62 -15.47
CA ALA B 179 8.68 17.14 -15.01
C ALA B 179 8.79 17.16 -13.49
N ALA B 180 10.02 17.12 -13.00
CA ALA B 180 10.33 17.08 -11.56
C ALA B 180 9.79 18.20 -10.69
N ASP B 181 9.84 19.45 -11.18
CA ASP B 181 9.34 20.60 -10.43
C ASP B 181 7.83 20.60 -10.28
N ASP B 182 7.14 19.96 -11.24
CA ASP B 182 5.69 19.83 -11.21
C ASP B 182 5.30 18.72 -10.24
N LEU B 183 6.13 17.69 -10.18
CA LEU B 183 5.93 16.54 -9.29
C LEU B 183 6.26 16.84 -7.84
N VAL B 184 7.15 17.80 -7.60
CA VAL B 184 7.52 18.23 -6.24
C VAL B 184 6.33 19.01 -5.69
N HIS B 185 5.69 19.79 -6.57
CA HIS B 185 4.50 20.58 -6.23
C HIS B 185 3.30 19.66 -5.98
N PHE B 186 3.21 18.58 -6.76
CA PHE B 186 2.15 17.60 -6.62
C PHE B 186 2.29 16.82 -5.31
N THR B 187 3.48 16.26 -5.07
CA THR B 187 3.74 15.49 -3.86
C THR B 187 3.70 16.24 -2.53
N GLN B 188 3.75 17.58 -2.61
CA GLN B 188 3.68 18.45 -1.44
C GLN B 188 2.29 18.38 -0.82
N ASN B 189 1.27 18.20 -1.66
CA ASN B 189 -0.11 18.13 -1.22
C ASN B 189 -0.78 16.80 -1.49
N ASN B 190 -0.11 15.93 -2.24
CA ASN B 190 -0.64 14.61 -2.58
C ASN B 190 0.32 13.47 -2.31
N ALA B 191 -0.21 12.26 -2.24
CA ALA B 191 0.60 11.06 -2.03
C ALA B 191 1.38 10.79 -3.32
N PRO B 192 2.65 10.31 -3.22
CA PRO B 192 3.45 10.03 -4.41
C PRO B 192 2.76 9.13 -5.45
N PRO B 193 2.82 9.53 -6.75
CA PRO B 193 2.21 8.72 -7.81
C PRO B 193 3.11 7.57 -8.23
N PHE B 194 2.57 6.64 -9.02
CA PHE B 194 3.36 5.52 -9.53
C PHE B 194 4.10 6.02 -10.74
N SER B 195 5.20 5.34 -11.09
CA SER B 195 5.96 5.73 -12.27
C SER B 195 5.21 5.31 -13.51
N ASP B 196 5.48 6.00 -14.62
CA ASP B 196 4.84 5.70 -15.89
C ASP B 196 5.55 4.51 -16.53
N ASN B 197 6.85 4.39 -16.26
CA ASN B 197 7.67 3.30 -16.76
C ASN B 197 8.92 3.20 -15.90
N VAL B 198 9.64 2.11 -16.08
CA VAL B 198 10.90 1.87 -15.38
C VAL B 198 11.93 1.57 -16.47
N LEU B 199 12.88 2.48 -16.60
CA LEU B 199 13.96 2.37 -17.59
C LEU B 199 15.11 1.51 -17.09
N ILE B 200 15.55 0.58 -17.94
CA ILE B 200 16.65 -0.32 -17.65
C ILE B 200 17.69 -0.01 -18.72
N ASN B 201 18.84 0.51 -18.28
CA ASN B 201 19.98 0.93 -19.13
C ASN B 201 19.52 1.98 -20.15
N GLY B 202 18.60 2.83 -19.69
CA GLY B 202 18.03 3.89 -20.51
C GLY B 202 16.91 3.53 -21.48
N THR B 203 16.46 2.27 -21.49
CA THR B 203 15.41 1.82 -22.39
C THR B 203 14.27 1.05 -21.69
N ALA B 204 13.08 1.08 -22.28
CA ALA B 204 11.88 0.38 -21.77
C ALA B 204 10.80 0.36 -22.83
N VAL B 205 9.87 -0.59 -22.69
CA VAL B 205 8.74 -0.73 -23.59
C VAL B 205 7.51 -0.10 -22.95
N ASN B 206 6.70 0.57 -23.77
CA ASN B 206 5.46 1.20 -23.33
C ASN B 206 4.40 0.09 -23.20
N PRO B 207 3.72 -0.03 -22.02
CA PRO B 207 2.70 -1.05 -21.81
C PRO B 207 1.36 -0.81 -22.54
N ASN B 208 1.16 0.41 -23.03
CA ASN B 208 -0.06 0.79 -23.75
C ASN B 208 0.08 0.71 -25.27
N THR B 209 1.18 1.26 -25.80
CA THR B 209 1.42 1.28 -27.25
C THR B 209 2.28 0.12 -27.78
N GLY B 210 3.30 -0.24 -27.00
CA GLY B 210 4.21 -1.31 -27.38
C GLY B 210 5.52 -0.83 -27.96
N GLU B 211 5.65 0.49 -28.09
CA GLU B 211 6.85 1.14 -28.65
C GLU B 211 8.07 1.08 -27.76
N GLY B 212 9.23 1.26 -28.39
CA GLY B 212 10.50 1.21 -27.68
C GLY B 212 11.15 -0.16 -27.79
N GLN B 213 12.11 -0.42 -26.90
CA GLN B 213 12.82 -1.70 -26.88
C GLN B 213 13.23 -2.10 -25.46
N TYR B 214 13.32 -3.41 -25.22
CA TYR B 214 13.75 -3.94 -23.93
C TYR B 214 15.28 -3.88 -23.95
N ALA B 215 15.89 -3.76 -22.76
CA ALA B 215 17.36 -3.72 -22.64
C ALA B 215 17.92 -5.09 -23.02
N ASN B 216 18.98 -5.09 -23.83
CA ASN B 216 19.59 -6.33 -24.29
C ASN B 216 21.02 -6.57 -23.84
N VAL B 217 21.17 -7.52 -22.91
CA VAL B 217 22.47 -7.90 -22.37
C VAL B 217 22.88 -9.27 -22.90
N THR B 218 23.96 -9.31 -23.69
CA THR B 218 24.43 -10.57 -24.24
C THR B 218 25.44 -11.27 -23.34
N LEU B 219 25.03 -12.43 -22.83
CA LEU B 219 25.85 -13.28 -21.96
C LEU B 219 26.58 -14.32 -22.80
N THR B 220 27.87 -14.50 -22.51
CA THR B 220 28.72 -15.49 -23.19
C THR B 220 28.56 -16.80 -22.41
N PRO B 221 28.05 -17.88 -23.06
CA PRO B 221 27.86 -19.18 -22.37
C PRO B 221 29.08 -19.83 -21.69
N GLY B 222 28.94 -20.05 -20.38
CA GLY B 222 29.98 -20.66 -19.57
C GLY B 222 30.92 -19.73 -18.82
N LYS B 223 30.79 -18.43 -19.07
CA LYS B 223 31.62 -17.41 -18.44
C LYS B 223 30.92 -16.69 -17.29
N ARG B 224 31.69 -16.28 -16.27
CA ARG B 224 31.15 -15.54 -15.13
C ARG B 224 31.12 -14.06 -15.53
N HIS B 225 29.95 -13.44 -15.41
CA HIS B 225 29.78 -12.03 -15.79
C HIS B 225 29.52 -11.12 -14.60
N ARG B 226 30.24 -10.00 -14.54
CA ARG B 226 30.02 -9.02 -13.48
C ARG B 226 29.04 -7.99 -14.02
N LEU B 227 27.99 -7.73 -13.24
CA LEU B 227 26.96 -6.76 -13.60
C LEU B 227 26.78 -5.76 -12.45
N ARG B 228 26.89 -4.50 -12.80
CA ARG B 228 26.80 -3.40 -11.84
C ARG B 228 25.42 -2.73 -11.88
N ILE B 229 24.51 -3.25 -11.04
CA ILE B 229 23.13 -2.77 -10.93
C ILE B 229 22.99 -1.56 -10.01
N LEU B 230 22.44 -0.47 -10.57
CA LEU B 230 22.24 0.76 -9.82
C LEU B 230 20.77 1.17 -9.80
N ASN B 231 20.41 1.90 -8.77
CA ASN B 231 19.07 2.42 -8.63
C ASN B 231 19.22 3.94 -8.65
N THR B 232 19.02 4.51 -9.84
CA THR B 232 19.16 5.94 -10.07
C THR B 232 17.88 6.76 -9.92
N SER B 233 16.83 6.09 -9.43
CA SER B 233 15.50 6.63 -9.22
C SER B 233 15.31 7.86 -8.34
N THR B 234 14.10 8.43 -8.41
CA THR B 234 13.72 9.57 -7.59
C THR B 234 12.82 9.10 -6.44
N GLU B 235 12.08 8.01 -6.64
CA GLU B 235 11.18 7.45 -5.63
C GLU B 235 11.13 5.91 -5.59
N ASN B 236 10.92 5.27 -6.74
CA ASN B 236 10.81 3.81 -6.82
C ASN B 236 11.93 2.93 -6.25
N HIS B 237 11.55 1.97 -5.42
CA HIS B 237 12.50 1.01 -4.84
C HIS B 237 12.22 -0.30 -5.58
N PHE B 238 13.28 -0.91 -6.08
CA PHE B 238 13.17 -2.11 -6.88
C PHE B 238 13.61 -3.44 -6.32
N GLN B 239 12.94 -4.45 -6.82
CA GLN B 239 13.24 -5.84 -6.51
C GLN B 239 13.65 -6.37 -7.86
N VAL B 240 14.86 -6.90 -7.93
CA VAL B 240 15.35 -7.45 -9.18
C VAL B 240 15.64 -8.95 -9.12
N SER B 241 15.29 -9.64 -10.20
CA SER B 241 15.48 -11.08 -10.34
C SER B 241 15.70 -11.43 -11.80
N LEU B 242 16.44 -12.51 -12.04
CA LEU B 242 16.73 -13.02 -13.38
C LEU B 242 16.25 -14.46 -13.40
N VAL B 243 15.34 -14.74 -14.34
CA VAL B 243 14.72 -16.06 -14.54
C VAL B 243 15.77 -17.19 -14.70
N ASN B 244 15.59 -18.22 -13.86
CA ASN B 244 16.43 -19.44 -13.79
C ASN B 244 17.91 -19.23 -13.44
N HIS B 245 18.21 -18.06 -12.86
CA HIS B 245 19.57 -17.71 -12.47
C HIS B 245 19.63 -17.09 -11.07
N THR B 246 20.79 -17.29 -10.45
CA THR B 246 21.11 -16.74 -9.15
C THR B 246 22.11 -15.62 -9.43
N MET B 247 22.17 -14.66 -8.52
CA MET B 247 23.10 -13.54 -8.65
C MET B 247 23.98 -13.57 -7.41
N THR B 248 25.29 -13.46 -7.60
CA THR B 248 26.22 -13.47 -6.47
C THR B 248 26.76 -12.07 -6.21
N VAL B 249 26.34 -11.50 -5.09
CA VAL B 249 26.75 -10.16 -4.69
C VAL B 249 28.21 -10.12 -4.25
N ILE B 250 29.00 -9.29 -4.93
CA ILE B 250 30.40 -9.09 -4.61
C ILE B 250 30.66 -7.70 -4.05
N ALA B 251 29.64 -6.84 -4.12
CA ALA B 251 29.70 -5.48 -3.60
C ALA B 251 28.32 -4.87 -3.36
N ALA B 252 28.22 -4.14 -2.25
CA ALA B 252 27.01 -3.43 -1.83
C ALA B 252 27.49 -1.99 -1.81
N ASP B 253 26.88 -1.15 -2.64
CA ASP B 253 27.26 0.26 -2.84
C ASP B 253 28.73 0.27 -3.29
N MET B 254 29.61 1.02 -2.65
CA MET B 254 31.01 1.02 -3.07
C MET B 254 31.91 0.27 -2.09
N VAL B 255 31.28 -0.62 -1.32
CA VAL B 255 31.96 -1.42 -0.31
C VAL B 255 31.95 -2.90 -0.72
N PRO B 256 33.11 -3.47 -1.11
CA PRO B 256 33.19 -4.89 -1.50
C PRO B 256 32.85 -5.81 -0.34
N VAL B 257 31.88 -6.70 -0.58
CA VAL B 257 31.43 -7.65 0.43
C VAL B 257 31.83 -9.08 0.08
N ASN B 258 31.68 -10.00 1.05
CA ASN B 258 31.97 -11.42 0.84
C ASN B 258 30.88 -11.97 -0.08
N ALA B 259 31.21 -12.99 -0.87
CA ALA B 259 30.29 -13.61 -1.81
C ALA B 259 28.98 -14.06 -1.17
N MET B 260 27.87 -13.54 -1.70
CA MET B 260 26.54 -13.84 -1.19
C MET B 260 25.58 -14.09 -2.35
N THR B 261 25.35 -15.38 -2.60
CA THR B 261 24.46 -15.85 -3.66
C THR B 261 22.99 -15.79 -3.22
N VAL B 262 22.20 -15.01 -3.98
CA VAL B 262 20.76 -14.79 -3.74
C VAL B 262 19.93 -14.99 -5.02
N ASP B 263 18.62 -15.17 -4.87
CA ASP B 263 17.69 -15.35 -6.00
C ASP B 263 17.18 -14.00 -6.49
N SER B 264 17.14 -13.04 -5.55
CA SER B 264 16.66 -11.70 -5.82
C SER B 264 17.33 -10.66 -4.93
N LEU B 265 17.37 -9.41 -5.43
CA LEU B 265 17.98 -8.30 -4.71
C LEU B 265 17.09 -7.09 -4.58
N PHE B 266 17.11 -6.49 -3.40
CA PHE B 266 16.35 -5.28 -3.17
C PHE B 266 17.29 -4.10 -3.32
N LEU B 267 16.89 -3.16 -4.17
CA LEU B 267 17.64 -1.94 -4.40
C LEU B 267 16.81 -0.75 -4.00
N ALA B 268 17.29 -0.03 -2.99
CA ALA B 268 16.62 1.19 -2.55
C ALA B 268 17.13 2.32 -3.43
N VAL B 269 16.43 3.45 -3.41
CA VAL B 269 16.83 4.63 -4.19
C VAL B 269 18.24 5.04 -3.77
N GLY B 270 19.16 4.92 -4.72
CA GLY B 270 20.55 5.27 -4.48
C GLY B 270 21.49 4.10 -4.28
N GLN B 271 20.93 2.92 -4.02
CA GLN B 271 21.71 1.70 -3.78
C GLN B 271 22.25 1.05 -5.05
N ARG B 272 23.44 0.49 -4.91
CA ARG B 272 24.11 -0.20 -6.00
C ARG B 272 24.44 -1.61 -5.56
N TYR B 273 24.60 -2.50 -6.53
CA TYR B 273 24.95 -3.89 -6.26
C TYR B 273 25.72 -4.47 -7.41
N ASP B 274 26.96 -4.86 -7.15
CA ASP B 274 27.81 -5.50 -8.15
C ASP B 274 27.60 -6.99 -8.00
N VAL B 275 27.07 -7.62 -9.04
CA VAL B 275 26.80 -9.06 -9.02
C VAL B 275 27.57 -9.87 -10.06
N VAL B 276 27.80 -11.15 -9.73
CA VAL B 276 28.46 -12.09 -10.64
C VAL B 276 27.37 -13.07 -11.05
N ILE B 277 27.09 -13.11 -12.35
CA ILE B 277 26.09 -13.98 -12.94
C ILE B 277 26.77 -15.01 -13.87
N ASP B 278 26.66 -16.28 -13.50
CA ASP B 278 27.23 -17.39 -14.26
C ASP B 278 26.25 -17.82 -15.35
N ALA B 279 26.71 -17.75 -16.60
CA ALA B 279 25.89 -18.17 -17.75
C ALA B 279 25.96 -19.70 -17.82
N SER B 280 25.45 -20.30 -16.74
CA SER B 280 25.42 -21.74 -16.50
C SER B 280 24.22 -22.51 -17.00
N ARG B 281 23.18 -21.81 -17.43
CA ARG B 281 21.96 -22.45 -17.91
C ARG B 281 21.90 -22.65 -19.43
N ALA B 282 20.77 -23.20 -19.90
CA ALA B 282 20.53 -23.50 -21.32
C ALA B 282 20.49 -22.28 -22.24
N PRO B 283 21.09 -22.38 -23.46
CA PRO B 283 21.11 -21.29 -24.45
C PRO B 283 19.69 -20.83 -24.83
N ASP B 284 19.29 -19.74 -24.19
CA ASP B 284 17.96 -19.14 -24.37
C ASP B 284 17.99 -17.68 -23.89
N ASN B 285 16.85 -17.02 -24.05
CA ASN B 285 16.68 -15.64 -23.62
C ASN B 285 15.93 -15.72 -22.30
N TYR B 286 16.40 -15.00 -21.29
CA TYR B 286 15.77 -15.01 -19.97
C TYR B 286 15.40 -13.59 -19.54
N TRP B 287 14.23 -13.45 -18.91
CA TRP B 287 13.75 -12.15 -18.43
C TRP B 287 14.45 -11.71 -17.15
N PHE B 288 14.77 -10.42 -17.08
CA PHE B 288 15.36 -9.80 -15.90
C PHE B 288 14.18 -8.98 -15.43
N ASN B 289 13.59 -9.35 -14.31
CA ASN B 289 12.41 -8.65 -13.82
C ASN B 289 12.60 -7.66 -12.70
N VAL B 290 11.86 -6.57 -12.83
CA VAL B 290 11.82 -5.48 -11.86
C VAL B 290 10.41 -5.56 -11.27
N THR B 291 10.32 -6.07 -10.04
CA THR B 291 9.05 -6.19 -9.34
C THR B 291 8.93 -5.22 -8.18
N PHE B 292 7.75 -5.20 -7.56
CA PHE B 292 7.47 -4.34 -6.41
C PHE B 292 6.83 -5.11 -5.26
N GLY B 293 7.51 -5.04 -4.12
CA GLY B 293 7.03 -5.66 -2.92
C GLY B 293 6.86 -4.54 -1.91
N GLY B 294 6.46 -4.91 -0.70
CA GLY B 294 6.25 -3.93 0.36
C GLY B 294 4.86 -3.36 0.37
N GLN B 295 4.04 -3.82 -0.58
CA GLN B 295 2.65 -3.42 -0.78
C GLN B 295 2.53 -1.91 -1.02
N ALA B 296 3.26 -1.45 -2.04
CA ALA B 296 3.35 -0.06 -2.51
C ALA B 296 3.86 0.97 -1.50
N ALA B 297 4.48 0.48 -0.43
CA ALA B 297 5.01 1.34 0.62
C ALA B 297 6.27 2.08 0.19
N CYS B 298 6.93 1.56 -0.83
CA CYS B 298 8.15 2.18 -1.35
C CYS B 298 8.16 2.29 -2.88
N GLY B 299 6.97 2.52 -3.44
CA GLY B 299 6.86 2.67 -4.88
C GLY B 299 6.08 1.65 -5.68
N GLY B 300 5.92 1.98 -6.95
CA GLY B 300 5.21 1.14 -7.89
C GLY B 300 5.32 1.75 -9.26
N SER B 301 4.87 1.02 -10.28
CA SER B 301 4.89 1.49 -11.66
C SER B 301 3.63 1.11 -12.38
N LEU B 302 3.23 1.97 -13.33
CA LEU B 302 2.05 1.74 -14.14
C LEU B 302 2.35 0.70 -15.21
N ASN B 303 3.65 0.44 -15.41
CA ASN B 303 4.12 -0.62 -16.31
C ASN B 303 4.06 -1.78 -15.32
N PRO B 304 3.16 -2.75 -15.57
CA PRO B 304 3.03 -3.88 -14.65
C PRO B 304 4.20 -4.87 -14.61
N HIS B 305 4.90 -5.01 -15.73
CA HIS B 305 6.03 -5.95 -15.83
C HIS B 305 7.25 -5.32 -16.52
N PRO B 306 7.97 -4.41 -15.83
CA PRO B 306 9.16 -3.78 -16.44
C PRO B 306 10.24 -4.83 -16.48
N ALA B 307 10.75 -5.11 -17.68
CA ALA B 307 11.75 -6.15 -17.85
C ALA B 307 12.83 -5.82 -18.86
N ALA B 308 13.90 -6.62 -18.79
CA ALA B 308 15.06 -6.54 -19.68
C ALA B 308 15.32 -7.96 -20.17
N ILE B 309 15.97 -8.09 -21.31
CA ILE B 309 16.29 -9.41 -21.88
C ILE B 309 17.77 -9.71 -21.72
N PHE B 310 18.03 -10.92 -21.24
CA PHE B 310 19.39 -11.41 -21.09
C PHE B 310 19.47 -12.51 -22.15
N HIS B 311 20.25 -12.22 -23.18
CA HIS B 311 20.43 -13.11 -24.31
C HIS B 311 21.76 -13.88 -24.25
N TYR B 312 21.68 -15.19 -24.49
CA TYR B 312 22.86 -16.03 -24.53
C TYR B 312 23.41 -15.96 -25.94
N ALA B 313 24.72 -15.78 -26.07
CA ALA B 313 25.37 -15.69 -27.37
C ALA B 313 25.27 -16.99 -28.17
N GLY B 314 24.81 -16.86 -29.42
CA GLY B 314 24.66 -18.00 -30.30
C GLY B 314 23.27 -18.60 -30.29
N ALA B 315 22.50 -18.23 -29.27
CA ALA B 315 21.12 -18.70 -29.07
C ALA B 315 20.16 -17.89 -29.95
N PRO B 316 18.96 -18.43 -30.27
CA PRO B 316 18.02 -17.67 -31.11
C PRO B 316 17.49 -16.38 -30.45
N GLY B 317 17.11 -15.43 -31.29
CA GLY B 317 16.62 -14.14 -30.81
C GLY B 317 15.15 -14.07 -30.44
N GLY B 318 14.71 -12.86 -30.13
CA GLY B 318 13.32 -12.63 -29.76
C GLY B 318 13.10 -12.55 -28.26
N LEU B 319 11.82 -12.49 -27.91
CA LEU B 319 11.37 -12.39 -26.53
C LEU B 319 11.42 -13.72 -25.76
N PRO B 320 11.80 -13.69 -24.45
CA PRO B 320 11.86 -14.89 -23.59
C PRO B 320 10.46 -15.49 -23.43
N THR B 321 10.39 -16.82 -23.42
CA THR B 321 9.13 -17.55 -23.31
C THR B 321 8.68 -17.86 -21.88
N ASP B 322 9.65 -17.90 -20.96
CA ASP B 322 9.38 -18.21 -19.56
C ASP B 322 9.10 -16.93 -18.75
N GLU B 323 7.84 -16.75 -18.34
CA GLU B 323 7.41 -15.57 -17.56
C GLU B 323 7.95 -15.54 -16.13
N GLY B 324 8.51 -16.67 -15.70
CA GLY B 324 9.10 -16.79 -14.37
C GLY B 324 8.19 -16.90 -13.16
N THR B 325 8.84 -17.08 -12.01
CA THR B 325 8.18 -17.19 -10.72
C THR B 325 8.40 -15.87 -9.97
N PRO B 326 7.31 -15.27 -9.39
CA PRO B 326 7.42 -14.00 -8.66
C PRO B 326 8.41 -14.12 -7.49
N PRO B 327 9.31 -13.13 -7.34
CA PRO B 327 10.27 -13.21 -6.24
C PRO B 327 9.69 -12.98 -4.84
N VAL B 328 10.55 -13.18 -3.84
CA VAL B 328 10.18 -13.00 -2.44
C VAL B 328 9.95 -11.51 -2.18
N ASP B 329 8.90 -11.21 -1.42
CA ASP B 329 8.54 -9.85 -1.05
C ASP B 329 9.59 -9.39 -0.04
N HIS B 330 10.45 -8.47 -0.47
CA HIS B 330 11.51 -7.93 0.38
C HIS B 330 11.02 -6.92 1.42
N GLN B 331 9.73 -6.58 1.33
CA GLN B 331 9.05 -5.66 2.24
C GLN B 331 9.71 -4.30 2.48
N CYS B 332 10.19 -3.70 1.39
CA CYS B 332 10.87 -2.40 1.38
C CYS B 332 12.10 -2.31 2.29
N LEU B 333 12.86 -3.41 2.36
CA LEU B 333 14.06 -3.52 3.22
C LEU B 333 15.26 -4.13 2.52
N ASP B 334 16.42 -3.53 2.70
CA ASP B 334 17.67 -4.05 2.13
C ASP B 334 18.24 -5.11 3.04
N THR B 335 18.90 -6.10 2.46
CA THR B 335 19.50 -7.21 3.23
C THR B 335 20.66 -6.76 4.11
N LEU B 336 20.61 -7.19 5.36
CA LEU B 336 21.66 -6.87 6.31
C LEU B 336 22.56 -8.08 6.53
N ASP B 337 22.54 -9.01 5.59
CA ASP B 337 23.36 -10.22 5.65
C ASP B 337 24.75 -9.99 5.06
N VAL B 338 24.88 -8.95 4.22
CA VAL B 338 26.16 -8.59 3.60
C VAL B 338 27.27 -8.23 4.59
N ARG B 339 28.40 -8.94 4.46
CA ARG B 339 29.56 -8.76 5.33
C ARG B 339 30.75 -8.28 4.50
N PRO B 340 31.23 -7.04 4.72
CA PRO B 340 32.37 -6.42 4.02
C PRO B 340 33.66 -7.24 4.08
N VAL B 341 34.47 -7.15 3.02
CA VAL B 341 35.76 -7.86 2.93
C VAL B 341 36.72 -7.28 3.96
N VAL B 342 36.80 -5.94 3.99
CA VAL B 342 37.63 -5.21 4.93
C VAL B 342 36.71 -4.95 6.15
N PRO B 343 37.01 -5.58 7.31
CA PRO B 343 36.21 -5.42 8.52
C PRO B 343 36.38 -4.17 9.39
N ARG B 344 35.35 -3.90 10.19
CA ARG B 344 35.29 -2.78 11.14
C ARG B 344 34.62 -3.33 12.41
N SER B 345 35.01 -2.81 13.58
CA SER B 345 34.44 -3.26 14.86
C SER B 345 34.06 -2.11 15.78
N VAL B 346 32.84 -2.19 16.33
CA VAL B 346 32.29 -1.18 17.25
C VAL B 346 31.57 -1.79 18.46
N PRO B 347 31.74 -1.21 19.67
CA PRO B 347 31.05 -1.74 20.85
C PRO B 347 29.56 -1.33 20.80
N VAL B 348 28.68 -2.32 20.73
CA VAL B 348 27.25 -2.06 20.66
C VAL B 348 26.50 -2.17 21.98
N ASN B 349 27.12 -2.84 22.94
CA ASN B 349 26.55 -3.03 24.28
C ASN B 349 26.48 -1.71 25.07
N SER B 350 27.40 -0.81 24.73
CA SER B 350 27.58 0.50 25.34
C SER B 350 26.59 1.60 24.93
N PHE B 351 25.75 1.31 23.94
CA PHE B 351 24.77 2.27 23.43
C PHE B 351 23.63 2.61 24.40
N VAL B 352 23.38 3.92 24.51
CA VAL B 352 22.32 4.49 25.35
C VAL B 352 21.60 5.54 24.48
N LYS B 353 20.27 5.46 24.45
CA LYS B 353 19.39 6.38 23.72
C LYS B 353 19.33 7.73 24.43
N ARG B 354 19.87 8.76 23.79
CA ARG B 354 19.93 10.13 24.32
C ARG B 354 19.47 11.11 23.23
N PRO B 355 18.97 12.33 23.60
CA PRO B 355 18.53 13.32 22.59
C PRO B 355 19.58 13.74 21.56
N ASP B 356 20.83 13.89 21.98
CA ASP B 356 21.91 14.30 21.06
C ASP B 356 22.44 13.23 20.10
N ASN B 357 21.84 12.04 20.16
CA ASN B 357 22.18 10.94 19.25
C ASN B 357 20.93 10.39 18.55
N THR B 358 19.79 11.02 18.85
CA THR B 358 18.50 10.61 18.29
C THR B 358 17.96 11.59 17.25
N LEU B 359 17.61 11.04 16.09
CA LEU B 359 17.06 11.80 14.98
C LEU B 359 15.65 11.30 14.65
N PRO B 360 14.61 11.93 15.25
CA PRO B 360 13.23 11.52 14.99
C PRO B 360 12.67 12.10 13.69
N VAL B 361 12.23 11.21 12.80
CA VAL B 361 11.63 11.59 11.53
C VAL B 361 10.13 11.69 11.79
N ALA B 362 9.58 12.89 11.62
CA ALA B 362 8.14 13.11 11.83
C ALA B 362 7.51 13.79 10.63
N LEU B 363 6.24 13.45 10.38
CA LEU B 363 5.47 14.05 9.30
C LEU B 363 4.46 15.02 9.89
N ASP B 364 4.63 16.29 9.56
CA ASP B 364 3.77 17.35 10.04
C ASP B 364 2.66 17.61 9.01
N LEU B 365 1.41 17.41 9.44
CA LEU B 365 0.23 17.60 8.60
C LEU B 365 -0.59 18.82 9.03
N THR B 366 -0.01 19.65 9.90
CA THR B 366 -0.69 20.85 10.41
C THR B 366 -0.47 22.15 9.62
N GLY B 367 0.61 22.23 8.84
CA GLY B 367 0.91 23.44 8.08
C GLY B 367 0.60 23.47 6.59
N THR B 368 1.18 24.46 5.90
CA THR B 368 1.03 24.64 4.45
C THR B 368 2.42 24.50 3.81
N PRO B 369 2.63 23.50 2.91
CA PRO B 369 1.74 22.45 2.37
C PRO B 369 1.47 21.31 3.34
N LEU B 370 0.71 20.31 2.90
CA LEU B 370 0.35 19.16 3.73
C LEU B 370 1.51 18.21 4.07
N PHE B 371 2.30 17.85 3.06
CA PHE B 371 3.43 16.96 3.27
C PHE B 371 4.73 17.71 3.58
N VAL B 372 4.99 17.86 4.87
CA VAL B 372 6.19 18.53 5.37
C VAL B 372 6.86 17.51 6.29
N TRP B 373 8.08 17.12 5.90
CA TRP B 373 8.86 16.15 6.66
C TRP B 373 9.85 16.83 7.60
N LYS B 374 9.73 16.51 8.89
CA LYS B 374 10.58 17.10 9.91
C LYS B 374 11.50 16.09 10.57
N VAL B 375 12.76 16.48 10.76
CA VAL B 375 13.74 15.63 11.42
C VAL B 375 14.15 16.44 12.65
N ASN B 376 13.79 15.90 13.82
CA ASN B 376 14.01 16.49 15.15
C ASN B 376 13.18 17.77 15.35
N GLY B 377 11.96 17.75 14.80
CA GLY B 377 11.04 18.85 14.89
C GLY B 377 11.31 20.03 13.95
N SER B 378 12.09 19.80 12.89
CA SER B 378 12.44 20.84 11.93
C SER B 378 12.68 20.32 10.50
N ASP B 379 11.98 20.93 9.56
CA ASP B 379 12.13 20.59 8.14
C ASP B 379 13.27 21.43 7.57
N ILE B 380 14.22 20.76 6.91
CA ILE B 380 15.37 21.45 6.35
C ILE B 380 15.04 22.44 5.24
N ASN B 381 15.75 23.57 5.25
CA ASN B 381 15.60 24.61 4.24
C ASN B 381 16.95 25.31 4.12
N VAL B 382 17.80 24.76 3.25
CA VAL B 382 19.14 25.30 2.99
C VAL B 382 19.09 26.60 2.21
N ASP B 383 20.09 27.45 2.42
CA ASP B 383 20.17 28.75 1.75
C ASP B 383 21.14 28.69 0.57
N TRP B 384 20.59 28.76 -0.63
CA TRP B 384 21.32 28.73 -1.90
C TRP B 384 22.26 29.92 -2.04
N GLY B 385 21.86 31.03 -1.40
CA GLY B 385 22.63 32.27 -1.42
C GLY B 385 23.74 32.31 -0.39
N LYS B 386 23.54 31.63 0.74
CA LYS B 386 24.55 31.57 1.81
C LYS B 386 24.68 30.13 2.39
N PRO B 387 25.57 29.31 1.80
CA PRO B 387 25.81 27.93 2.22
C PRO B 387 26.46 27.81 3.59
N ILE B 388 26.50 26.58 4.11
CA ILE B 388 27.08 26.30 5.43
C ILE B 388 28.60 26.54 5.44
N ILE B 389 29.22 26.37 4.27
CA ILE B 389 30.66 26.57 4.12
C ILE B 389 31.01 28.06 4.16
N ASP B 390 30.04 28.94 3.83
CA ASP B 390 30.27 30.38 3.86
C ASP B 390 30.37 30.82 5.32
N TYR B 391 29.60 30.14 6.18
CA TYR B 391 29.59 30.37 7.61
C TYR B 391 30.94 29.96 8.21
N ILE B 392 31.46 28.83 7.74
CA ILE B 392 32.75 28.28 8.17
C ILE B 392 33.90 29.20 7.76
N LEU B 393 33.81 29.75 6.55
CA LEU B 393 34.85 30.63 6.01
C LEU B 393 34.84 32.05 6.56
N THR B 394 33.74 32.45 7.18
CA THR B 394 33.62 33.77 7.78
C THR B 394 33.60 33.73 9.31
N GLY B 395 33.86 32.53 9.86
CA GLY B 395 33.90 32.31 11.31
C GLY B 395 32.56 32.47 12.02
N ASN B 396 31.49 32.33 11.23
CA ASN B 396 30.13 32.48 11.69
C ASN B 396 29.54 31.15 12.17
N THR B 397 29.16 31.11 13.44
CA THR B 397 28.59 29.92 14.06
C THR B 397 27.07 29.97 14.24
N SER B 398 26.47 31.12 13.93
CA SER B 398 25.03 31.32 14.09
C SER B 398 24.19 30.67 12.97
N TYR B 399 24.26 29.34 12.89
CA TYR B 399 23.53 28.55 11.87
C TYR B 399 22.02 28.60 12.14
N PRO B 400 21.20 28.87 11.08
CA PRO B 400 19.74 28.94 11.21
C PRO B 400 19.14 27.59 11.57
N VAL B 401 18.07 27.60 12.35
CA VAL B 401 17.36 26.40 12.81
C VAL B 401 16.98 25.50 11.63
N SER B 402 16.64 26.14 10.52
CA SER B 402 16.25 25.48 9.27
C SER B 402 17.35 24.67 8.58
N ASP B 403 18.61 24.99 8.89
CA ASP B 403 19.74 24.28 8.29
C ASP B 403 20.01 22.91 8.90
N ASN B 404 19.32 22.63 10.00
CA ASN B 404 19.38 21.35 10.74
C ASN B 404 20.78 20.82 11.01
N ILE B 405 21.62 21.71 11.52
CA ILE B 405 23.01 21.42 11.85
C ILE B 405 23.16 20.55 13.11
N VAL B 406 23.75 19.38 12.91
CA VAL B 406 24.05 18.45 13.98
C VAL B 406 25.58 18.46 14.02
N GLN B 407 26.10 19.30 14.92
CA GLN B 407 27.55 19.48 15.10
C GLN B 407 28.18 18.34 15.86
N VAL B 408 29.09 17.66 15.17
CA VAL B 408 29.83 16.51 15.71
C VAL B 408 31.29 16.94 15.85
N ASP B 409 31.70 17.23 17.08
CA ASP B 409 33.06 17.68 17.38
C ASP B 409 34.09 16.59 17.62
N ALA B 410 33.61 15.35 17.80
CA ALA B 410 34.44 14.17 18.03
C ALA B 410 35.45 13.95 16.91
N VAL B 411 36.71 13.76 17.30
CA VAL B 411 37.81 13.56 16.34
C VAL B 411 38.18 12.09 16.13
N ASP B 412 37.98 11.62 14.90
CA ASP B 412 38.29 10.24 14.45
C ASP B 412 37.68 9.12 15.32
N GLN B 413 36.54 9.43 15.95
CA GLN B 413 35.83 8.50 16.81
C GLN B 413 34.49 8.11 16.18
N TRP B 414 33.98 6.94 16.59
CA TRP B 414 32.70 6.44 16.11
C TRP B 414 31.56 7.15 16.81
N THR B 415 30.54 7.52 16.02
CA THR B 415 29.36 8.23 16.53
C THR B 415 28.11 7.44 16.18
N TYR B 416 27.31 7.16 17.19
CA TYR B 416 26.09 6.36 17.08
C TYR B 416 24.82 7.17 16.87
N TRP B 417 24.04 6.83 15.85
CA TRP B 417 22.80 7.55 15.53
C TRP B 417 21.53 6.71 15.44
N LEU B 418 20.55 7.09 16.25
CA LEU B 418 19.26 6.39 16.26
C LEU B 418 18.23 7.21 15.51
N ILE B 419 17.80 6.69 14.35
CA ILE B 419 16.81 7.36 13.53
C ILE B 419 15.48 6.64 13.72
N GLU B 420 14.50 7.38 14.26
CA GLU B 420 13.16 6.86 14.54
C GLU B 420 12.16 7.23 13.43
N ASN B 421 11.44 6.25 12.91
CA ASN B 421 10.47 6.48 11.83
C ASN B 421 9.01 6.74 12.25
N ASP B 422 8.76 7.92 12.84
CA ASP B 422 7.42 8.38 13.26
C ASP B 422 6.59 7.28 13.98
N PRO B 423 7.03 6.83 15.18
CA PRO B 423 6.29 5.77 15.91
C PRO B 423 4.89 6.16 16.38
N GLU B 424 4.74 7.42 16.78
CA GLU B 424 3.47 7.95 17.29
C GLU B 424 2.61 8.66 16.22
N GLY B 425 3.13 8.72 14.99
CA GLY B 425 2.43 9.35 13.89
C GLY B 425 1.22 8.62 13.31
N PRO B 426 0.42 9.26 12.43
CA PRO B 426 -0.78 8.71 11.77
C PRO B 426 -0.46 7.43 10.99
N PHE B 427 0.56 7.53 10.16
CA PHE B 427 1.03 6.41 9.37
C PHE B 427 2.51 6.63 9.14
N SER B 428 3.19 5.58 8.69
CA SER B 428 4.61 5.66 8.44
C SER B 428 5.01 5.02 7.11
N LEU B 429 6.01 5.63 6.50
CA LEU B 429 6.57 5.22 5.21
C LEU B 429 8.05 4.85 5.36
N PRO B 430 8.54 3.86 4.58
CA PRO B 430 9.94 3.45 4.62
C PRO B 430 10.80 4.53 3.96
N HIS B 431 11.99 4.77 4.50
CA HIS B 431 12.87 5.80 3.93
C HIS B 431 14.27 5.34 3.58
N PRO B 432 14.74 5.64 2.35
CA PRO B 432 16.10 5.27 1.94
C PRO B 432 17.10 6.30 2.49
N MET B 433 17.57 6.08 3.72
CA MET B 433 18.52 6.97 4.38
C MET B 433 19.92 6.94 3.79
N HIS B 434 20.39 8.12 3.41
CA HIS B 434 21.68 8.29 2.77
C HIS B 434 22.56 9.34 3.46
N LEU B 435 23.86 9.03 3.55
CA LEU B 435 24.86 9.91 4.13
C LEU B 435 25.91 10.33 3.11
N HIS B 436 26.23 11.62 3.14
CA HIS B 436 27.25 12.19 2.28
C HIS B 436 28.57 12.05 3.00
N GLY B 437 29.64 11.87 2.22
CA GLY B 437 31.00 11.78 2.75
C GLY B 437 31.48 10.60 3.56
N HIS B 438 30.58 9.65 3.84
CA HIS B 438 30.92 8.46 4.62
C HIS B 438 30.11 7.24 4.22
N ASP B 439 30.64 6.09 4.62
CA ASP B 439 29.97 4.80 4.48
C ASP B 439 29.69 4.49 5.95
N PHE B 440 28.42 4.29 6.29
CA PHE B 440 28.06 4.01 7.68
C PHE B 440 27.93 2.53 7.97
N LEU B 441 27.89 2.20 9.25
CA LEU B 441 27.71 0.84 9.70
C LEU B 441 26.26 0.69 10.15
N VAL B 442 25.55 -0.24 9.51
CA VAL B 442 24.16 -0.51 9.82
C VAL B 442 24.18 -1.52 10.99
N LEU B 443 24.13 -0.98 12.20
CA LEU B 443 24.19 -1.76 13.43
C LEU B 443 22.93 -2.55 13.72
N GLY B 444 21.79 -1.96 13.38
CA GLY B 444 20.53 -2.63 13.59
C GLY B 444 19.33 -1.82 13.15
N ARG B 445 18.18 -2.49 13.14
CA ARG B 445 16.92 -1.88 12.76
C ARG B 445 15.80 -2.62 13.47
N SER B 446 14.62 -2.01 13.48
CA SER B 446 13.43 -2.60 14.08
C SER B 446 13.09 -3.92 13.36
N PRO B 447 12.46 -4.90 14.05
CA PRO B 447 12.11 -6.20 13.44
C PRO B 447 11.45 -6.16 12.05
N ASP B 448 12.01 -6.98 11.15
CA ASP B 448 11.51 -7.10 9.77
C ASP B 448 10.05 -7.59 9.78
N VAL B 449 9.14 -6.66 9.51
CA VAL B 449 7.70 -6.90 9.47
C VAL B 449 7.21 -6.33 8.12
N PRO B 450 5.96 -6.64 7.67
CA PRO B 450 5.52 -6.05 6.40
C PRO B 450 5.46 -4.52 6.43
N ALA B 451 5.92 -3.89 5.35
CA ALA B 451 6.01 -2.44 5.24
C ALA B 451 4.72 -1.63 5.39
N ALA B 452 3.59 -2.20 4.93
CA ALA B 452 2.30 -1.54 5.03
C ALA B 452 1.50 -2.01 6.23
N SER B 453 2.15 -2.75 7.13
CA SER B 453 1.53 -3.28 8.36
C SER B 453 1.18 -2.20 9.37
N GLN B 454 1.94 -1.09 9.32
CA GLN B 454 1.80 0.05 10.23
C GLN B 454 2.04 -0.36 11.69
N GLN B 455 2.90 -1.37 11.84
CA GLN B 455 3.33 -1.90 13.14
C GLN B 455 4.46 -1.00 13.60
N ARG B 456 4.34 -0.55 14.85
CA ARG B 456 5.30 0.37 15.44
C ARG B 456 6.27 -0.29 16.41
N PHE B 457 7.49 0.26 16.43
CA PHE B 457 8.57 -0.20 17.31
C PHE B 457 9.36 1.02 17.74
N VAL B 458 9.61 1.13 19.03
CA VAL B 458 10.42 2.20 19.63
C VAL B 458 11.60 1.42 20.21
N PHE B 459 12.79 2.04 20.25
CA PHE B 459 13.99 1.40 20.77
C PHE B 459 13.87 1.10 22.26
N ASP B 460 13.85 -0.20 22.56
CA ASP B 460 13.75 -0.70 23.92
C ASP B 460 15.04 -1.50 24.17
N PRO B 461 15.96 -0.95 25.00
CA PRO B 461 17.23 -1.63 25.31
C PRO B 461 17.11 -3.02 25.93
N ALA B 462 15.92 -3.30 26.48
CA ALA B 462 15.58 -4.56 27.14
C ALA B 462 15.43 -5.76 26.18
N VAL B 463 15.21 -5.47 24.90
CA VAL B 463 15.06 -6.51 23.87
C VAL B 463 15.96 -6.26 22.67
N ASP B 464 16.22 -4.97 22.39
CA ASP B 464 16.99 -4.55 21.23
C ASP B 464 18.52 -4.43 21.24
N LEU B 465 19.13 -4.34 22.42
CA LEU B 465 20.60 -4.24 22.51
C LEU B 465 21.28 -5.54 22.09
N ALA B 466 20.52 -6.62 22.18
CA ALA B 466 20.96 -7.96 21.82
C ALA B 466 20.75 -8.19 20.32
N ARG B 467 19.90 -7.35 19.72
CA ARG B 467 19.58 -7.43 18.29
C ARG B 467 20.58 -6.69 17.39
N LEU B 468 21.54 -6.01 18.01
CA LEU B 468 22.56 -5.27 17.30
C LEU B 468 23.79 -6.14 16.99
N ASN B 469 24.54 -5.74 15.97
CA ASN B 469 25.76 -6.45 15.56
C ASN B 469 26.87 -5.43 15.31
N GLY B 470 27.88 -5.48 16.14
CA GLY B 470 29.02 -4.58 16.01
C GLY B 470 30.22 -5.25 15.38
N ASP B 471 30.09 -6.55 15.11
CA ASP B 471 31.16 -7.34 14.50
C ASP B 471 30.88 -7.44 13.00
N ASN B 472 31.66 -6.65 12.25
CA ASN B 472 31.60 -6.49 10.80
C ASN B 472 30.18 -6.38 10.18
N PRO B 473 29.42 -5.33 10.58
CA PRO B 473 28.06 -5.14 10.07
C PRO B 473 28.09 -4.55 8.65
N PRO B 474 26.92 -4.49 7.95
CA PRO B 474 26.94 -3.92 6.60
C PRO B 474 27.43 -2.48 6.62
N ARG B 475 28.37 -2.19 5.73
CA ARG B 475 28.93 -0.85 5.62
C ARG B 475 28.53 -0.35 4.24
N ARG B 476 27.74 0.72 4.20
CA ARG B 476 27.27 1.31 2.94
C ARG B 476 26.80 2.77 3.10
N ASP B 477 26.57 3.44 1.97
CA ASP B 477 26.15 4.83 2.00
C ASP B 477 24.64 5.05 2.03
N THR B 478 23.88 4.01 1.69
CA THR B 478 22.41 4.07 1.70
C THR B 478 21.77 2.81 2.26
N THR B 479 20.79 2.99 3.15
CA THR B 479 20.05 1.86 3.74
C THR B 479 18.64 2.27 4.10
N MET B 480 17.79 1.28 4.29
CA MET B 480 16.40 1.51 4.63
C MET B 480 16.06 1.78 6.08
N LEU B 481 15.19 2.77 6.26
CA LEU B 481 14.67 3.14 7.57
C LEU B 481 13.27 2.52 7.51
N PRO B 482 13.06 1.36 8.18
CA PRO B 482 11.76 0.68 8.18
C PRO B 482 10.57 1.49 8.71
N ALA B 483 9.43 1.34 8.02
CA ALA B 483 8.18 2.01 8.37
C ALA B 483 7.75 1.68 9.80
N GLY B 484 7.42 2.72 10.55
CA GLY B 484 6.98 2.57 11.94
C GLY B 484 8.04 2.23 12.97
N GLY B 485 9.25 1.94 12.52
CA GLY B 485 10.31 1.57 13.44
C GLY B 485 11.50 2.49 13.66
N TRP B 486 12.67 1.87 13.76
CA TRP B 486 13.92 2.58 14.00
C TRP B 486 15.10 1.97 13.24
N LEU B 487 16.22 2.70 13.27
CA LEU B 487 17.45 2.29 12.62
C LEU B 487 18.63 2.83 13.41
N LEU B 488 19.65 1.97 13.60
CA LEU B 488 20.84 2.38 14.33
C LEU B 488 22.04 2.41 13.38
N LEU B 489 22.66 3.58 13.25
CA LEU B 489 23.81 3.76 12.38
C LEU B 489 25.03 4.25 13.12
N ALA B 490 26.20 4.12 12.48
CA ALA B 490 27.48 4.57 13.03
C ALA B 490 28.52 4.87 11.96
N PHE B 491 29.18 6.01 12.11
CA PHE B 491 30.24 6.44 11.20
C PHE B 491 31.40 7.06 11.98
N ARG B 492 32.62 6.80 11.52
CA ARG B 492 33.82 7.33 12.15
C ARG B 492 34.09 8.72 11.57
N THR B 493 34.26 9.70 12.45
CA THR B 493 34.51 11.08 12.05
C THR B 493 35.93 11.37 11.50
N ASP B 494 36.23 10.80 10.34
CA ASP B 494 37.53 10.93 9.69
C ASP B 494 37.56 11.86 8.47
N ASN B 495 36.48 12.63 8.31
CA ASN B 495 36.36 13.54 7.17
C ASN B 495 35.62 14.85 7.50
N PRO B 496 36.35 15.87 8.01
CA PRO B 496 35.80 17.18 8.38
C PRO B 496 35.03 17.89 7.27
N GLY B 497 33.76 18.21 7.56
CA GLY B 497 32.93 18.88 6.58
C GLY B 497 31.46 18.91 6.91
N ALA B 498 30.70 19.61 6.08
CA ALA B 498 29.24 19.70 6.23
C ALA B 498 28.65 18.63 5.32
N TRP B 499 28.08 17.60 5.93
CA TRP B 499 27.50 16.48 5.18
C TRP B 499 26.02 16.25 5.39
N LEU B 500 25.28 16.14 4.28
CA LEU B 500 23.85 15.90 4.36
C LEU B 500 23.55 14.43 4.66
N PHE B 501 22.52 14.23 5.46
CA PHE B 501 22.05 12.92 5.83
C PHE B 501 20.58 13.08 5.57
N HIS B 502 20.13 12.37 4.54
CA HIS B 502 18.75 12.50 4.11
C HIS B 502 18.15 11.29 3.46
N CYS B 503 16.83 11.38 3.30
CA CYS B 503 16.06 10.38 2.62
C CYS B 503 16.30 10.68 1.15
N HIS B 504 16.55 9.62 0.39
CA HIS B 504 16.83 9.79 -1.02
C HIS B 504 15.62 9.84 -1.95
N ILE B 505 14.41 9.75 -1.37
CA ILE B 505 13.20 9.91 -2.19
C ILE B 505 13.17 11.44 -2.39
N ALA B 506 13.29 11.83 -3.65
CA ALA B 506 13.30 13.23 -4.08
C ALA B 506 12.20 14.10 -3.50
N TRP B 507 11.01 13.52 -3.35
CA TRP B 507 9.83 14.23 -2.82
C TRP B 507 9.91 14.47 -1.33
N HIS B 508 10.50 13.51 -0.64
CA HIS B 508 10.68 13.57 0.81
C HIS B 508 11.78 14.54 1.23
N VAL B 509 12.88 14.58 0.48
CA VAL B 509 14.00 15.48 0.77
C VAL B 509 13.61 16.92 0.40
N SER B 510 12.67 17.04 -0.53
CA SER B 510 12.13 18.32 -0.96
C SER B 510 11.19 18.82 0.12
N GLY B 511 10.47 17.87 0.74
CA GLY B 511 9.55 18.15 1.83
C GLY B 511 10.25 18.53 3.13
N GLY B 512 11.54 18.19 3.23
CA GLY B 512 12.33 18.53 4.40
C GLY B 512 13.10 17.44 5.15
N LEU B 513 13.01 16.19 4.70
CA LEU B 513 13.68 15.05 5.34
C LEU B 513 15.20 15.03 5.20
N SER B 514 15.85 15.87 6.00
CA SER B 514 17.29 15.98 5.99
C SER B 514 17.85 16.71 7.20
N VAL B 515 19.11 16.41 7.46
CA VAL B 515 19.90 17.04 8.50
C VAL B 515 21.23 17.29 7.85
N ASP B 516 22.06 18.08 8.51
CA ASP B 516 23.38 18.44 8.02
C ASP B 516 24.36 18.16 9.15
N PHE B 517 25.16 17.11 8.98
CA PHE B 517 26.19 16.76 9.94
C PHE B 517 27.41 17.66 9.74
N LEU B 518 27.56 18.67 10.58
CA LEU B 518 28.72 19.54 10.50
C LEU B 518 29.83 18.90 11.33
N GLU B 519 30.53 17.99 10.66
CA GLU B 519 31.61 17.21 11.21
C GLU B 519 32.91 18.00 11.35
N ARG B 520 33.45 18.01 12.58
CA ARG B 520 34.70 18.69 12.95
C ARG B 520 34.90 20.08 12.30
N PRO B 521 34.00 21.06 12.60
CA PRO B 521 34.08 22.41 12.03
C PRO B 521 35.38 23.16 12.28
N ALA B 522 35.92 22.96 13.48
CA ALA B 522 37.18 23.58 13.91
C ALA B 522 38.38 23.09 13.08
N ASP B 523 38.27 21.88 12.53
CA ASP B 523 39.32 21.26 11.72
C ASP B 523 39.14 21.59 10.24
N LEU B 524 37.88 21.79 9.85
CA LEU B 524 37.47 22.07 8.47
C LEU B 524 38.04 23.31 7.78
N ARG B 525 38.07 24.44 8.49
CA ARG B 525 38.57 25.72 7.98
C ARG B 525 40.00 25.70 7.43
N GLN B 526 40.91 25.04 8.16
CA GLN B 526 42.34 24.93 7.79
C GLN B 526 42.60 24.02 6.60
N ARG B 527 41.72 23.03 6.43
CA ARG B 527 41.84 22.04 5.37
C ARG B 527 41.35 22.50 3.99
N ILE B 528 40.64 23.63 3.95
CA ILE B 528 40.12 24.18 2.70
C ILE B 528 41.20 25.04 2.02
N SER B 529 41.61 24.59 0.83
CA SER B 529 42.62 25.25 0.02
C SER B 529 42.15 26.61 -0.52
N GLN B 530 43.10 27.46 -0.91
CA GLN B 530 42.78 28.79 -1.44
C GLN B 530 42.04 28.66 -2.79
N GLU B 531 42.38 27.61 -3.55
CA GLU B 531 41.77 27.31 -4.86
C GLU B 531 40.28 27.00 -4.73
N ASP B 532 39.94 26.22 -3.71
CA ASP B 532 38.56 25.84 -3.42
C ASP B 532 37.74 26.98 -2.84
N GLU B 533 38.37 27.76 -1.95
CA GLU B 533 37.74 28.91 -1.31
C GLU B 533 37.41 30.02 -2.33
N ASP B 534 38.39 30.36 -3.18
CA ASP B 534 38.24 31.38 -4.22
C ASP B 534 37.13 31.00 -5.18
N ASP B 535 37.13 29.73 -5.59
CA ASP B 535 36.15 29.21 -6.51
C ASP B 535 34.75 29.12 -5.89
N PHE B 536 34.69 28.84 -4.59
CA PHE B 536 33.44 28.75 -3.85
C PHE B 536 32.80 30.15 -3.84
N ASN B 537 33.64 31.15 -3.56
CA ASN B 537 33.22 32.55 -3.51
C ASN B 537 32.91 33.11 -4.88
N ARG B 538 33.59 32.60 -5.91
CA ARG B 538 33.36 33.03 -7.30
C ARG B 538 31.97 32.60 -7.76
N VAL B 539 31.64 31.32 -7.51
CA VAL B 539 30.35 30.75 -7.90
C VAL B 539 29.20 31.36 -7.09
N CYS B 540 29.46 31.66 -5.83
CA CYS B 540 28.43 32.28 -4.99
C CYS B 540 28.11 33.70 -5.41
N ASP B 541 29.12 34.43 -5.86
CA ASP B 541 28.97 35.81 -6.31
C ASP B 541 28.18 35.88 -7.60
N GLU B 542 28.46 34.93 -8.50
CA GLU B 542 27.80 34.82 -9.80
C GLU B 542 26.33 34.40 -9.65
N TRP B 543 26.06 33.58 -8.63
CA TRP B 543 24.73 33.09 -8.32
C TRP B 543 23.90 34.16 -7.61
N ARG B 544 24.54 34.91 -6.72
CA ARG B 544 23.87 35.96 -5.97
C ARG B 544 23.49 37.13 -6.87
N ALA B 545 24.18 37.22 -8.00
CA ALA B 545 23.95 38.24 -9.03
C ALA B 545 22.77 37.78 -9.91
N TYR B 546 22.77 36.47 -10.23
CA TYR B 546 21.72 35.86 -11.04
C TYR B 546 20.36 35.71 -10.35
N TRP B 547 20.33 35.27 -9.10
CA TRP B 547 19.06 35.04 -8.38
C TRP B 547 17.93 36.12 -8.45
N PRO B 548 18.25 37.44 -8.32
CA PRO B 548 17.16 38.42 -8.41
C PRO B 548 16.45 38.50 -9.78
N THR B 549 17.06 37.91 -10.81
CA THR B 549 16.52 37.91 -12.16
C THR B 549 15.72 36.64 -12.49
N ASN B 550 15.73 35.68 -11.56
CA ASN B 550 14.99 34.42 -11.73
C ASN B 550 13.48 34.70 -11.64
N PRO B 551 12.71 34.26 -12.66
CA PRO B 551 11.25 34.49 -12.67
C PRO B 551 10.45 33.52 -11.80
N TYR B 552 11.15 32.53 -11.23
CA TYR B 552 10.56 31.51 -10.39
C TYR B 552 11.07 31.52 -8.94
N PRO B 553 10.20 31.13 -7.97
CA PRO B 553 10.64 31.12 -6.56
C PRO B 553 11.18 29.72 -6.15
N LYS B 554 11.58 29.60 -4.89
CA LYS B 554 12.09 28.36 -4.31
C LYS B 554 10.93 27.77 -3.50
N ILE B 555 10.28 26.74 -4.06
CA ILE B 555 9.13 26.11 -3.40
C ILE B 555 9.43 25.04 -2.36
N ASP B 556 10.65 24.51 -2.40
CA ASP B 556 11.04 23.47 -1.46
C ASP B 556 12.28 23.77 -0.61
N SER B 557 12.87 22.72 -0.05
CA SER B 557 14.07 22.79 0.80
C SER B 557 15.33 23.25 0.09
N GLY B 558 15.45 22.88 -1.19
CA GLY B 558 16.61 23.25 -1.97
C GLY B 558 17.54 22.06 -2.11
N ALA B 559 17.37 21.11 -1.20
CA ALA B 559 18.15 19.88 -1.16
C ALA B 559 17.47 18.77 -1.98
#